data_5VH4
#
_entry.id   5VH4
#
_cell.length_a   90.850
_cell.length_b   93.610
_cell.length_c   316.070
_cell.angle_alpha   90.000
_cell.angle_beta   90.000
_cell.angle_gamma   90.000
#
_symmetry.space_group_name_H-M   'I 21 21 21'
#
loop_
_entity.id
_entity.type
_entity.pdbx_description
1 polymer 'Infliximab Fab Heavy Chain'
2 polymer 'Infliximab Fab Light Chain'
3 non-polymer NICOTINAMIDE-ADENINE-DINUCLEOTIDE
4 non-polymer 1,2-ETHANEDIOL
5 water water
#
loop_
_entity_poly.entity_id
_entity_poly.type
_entity_poly.pdbx_seq_one_letter_code
_entity_poly.pdbx_strand_id
1 'polypeptide(L)'
;EVKLEESGGGLVQPGGSMKLSCVASGFIFSNHWMNWVRQSPEKGLEWVAEIRSKSINSATHYAESVKGRFTISRDDSKSA
VYLQMTDLRTEDTGVYYCSRNYYGSTYDYWGQGTTLTVSSASTKGPSVFPLAPSSKSTSGGTAALGCLVKDYFPEPVTVS
WNSGALTSGVHTFPAVLQSSGLYSLSSVVTVPSSSLGTQTYICNVNHKPSNTKVDKKVEPKSCDKT
;
H,A
2 'polypeptide(L)'
;DILLTQSPAILSVSPGERVSFSCRASQFVGSSIHWYQQRTNGSPRLLIKYASESMSGIPSRFSGSGSGTDFTLSINTVES
EDIADYYCQQSHSWPFTFGSGTNLEVKRTVAAPSVFIFPPSDEQLKSGTASVVCLLNNFYPREAKVQWKVDNALQSGNSQ
ESVTEQDSKDSTYSLSSTLTLSKADYEKHKVYACEVTHQGLSSPVTKSFNRGEC
;
L,B
#
# COMPACT_ATOMS: atom_id res chain seq x y z
N GLU A 1 13.07 -30.89 21.13
CA GLU A 1 12.64 -29.73 20.35
C GLU A 1 11.23 -29.94 19.81
N VAL A 2 10.37 -28.95 20.00
CA VAL A 2 9.04 -28.99 19.40
C VAL A 2 9.14 -28.65 17.92
N LYS A 3 8.49 -29.45 17.09
CA LYS A 3 8.34 -29.16 15.67
C LYS A 3 6.87 -29.30 15.30
N LEU A 4 6.38 -28.38 14.47
CA LEU A 4 5.06 -28.47 13.86
C LEU A 4 5.27 -28.31 12.37
N GLU A 5 4.70 -29.21 11.57
CA GLU A 5 4.93 -29.21 10.12
C GLU A 5 3.60 -29.34 9.40
N GLU A 6 3.21 -28.30 8.69
CA GLU A 6 1.97 -28.25 7.95
C GLU A 6 2.16 -28.77 6.53
N SER A 7 1.06 -29.21 5.93
CA SER A 7 1.06 -29.55 4.52
C SER A 7 -0.38 -29.51 4.02
N GLY A 8 -0.53 -29.61 2.70
CA GLY A 8 -1.82 -29.69 2.07
C GLY A 8 -2.29 -28.42 1.38
N GLY A 9 -1.56 -27.33 1.49
CA GLY A 9 -1.99 -26.09 0.86
C GLY A 9 -1.91 -26.15 -0.65
N GLY A 10 -2.42 -25.11 -1.29
CA GLY A 10 -2.40 -25.09 -2.74
C GLY A 10 -3.58 -24.28 -3.26
N LEU A 11 -3.97 -24.60 -4.48
CA LEU A 11 -4.96 -23.85 -5.23
C LEU A 11 -6.30 -24.60 -5.23
N VAL A 12 -7.39 -23.86 -5.04
CA VAL A 12 -8.73 -24.44 -5.16
C VAL A 12 -9.69 -23.36 -5.64
N GLN A 13 -10.68 -23.77 -6.45
CA GLN A 13 -11.72 -22.89 -6.98
CA GLN A 13 -11.68 -22.84 -6.97
C GLN A 13 -12.59 -22.33 -5.85
N PRO A 14 -13.18 -21.15 -6.04
CA PRO A 14 -14.18 -20.67 -5.07
C PRO A 14 -15.30 -21.69 -4.90
N GLY A 15 -15.74 -21.85 -3.66
CA GLY A 15 -16.72 -22.87 -3.33
C GLY A 15 -16.13 -24.25 -3.12
N GLY A 16 -14.84 -24.43 -3.35
CA GLY A 16 -14.21 -25.73 -3.27
C GLY A 16 -13.83 -26.12 -1.85
N SER A 17 -13.17 -27.28 -1.75
CA SER A 17 -12.76 -27.85 -0.48
C SER A 17 -11.28 -28.19 -0.50
N MET A 18 -10.67 -28.17 0.67
CA MET A 18 -9.26 -28.52 0.82
C MET A 18 -9.02 -28.89 2.26
N LYS A 19 -8.18 -29.91 2.49
CA LYS A 19 -7.83 -30.36 3.83
C LYS A 19 -6.35 -30.11 4.08
N LEU A 20 -6.05 -29.38 5.16
CA LEU A 20 -4.69 -29.14 5.59
C LEU A 20 -4.34 -30.11 6.71
N SER A 21 -3.06 -30.46 6.79
CA SER A 21 -2.56 -31.37 7.81
C SER A 21 -1.40 -30.73 8.54
N CYS A 22 -1.24 -31.11 9.79
CA CYS A 22 -0.08 -30.71 10.57
C CYS A 22 0.33 -31.88 11.47
N VAL A 23 1.61 -32.23 11.44
CA VAL A 23 2.17 -33.28 12.30
C VAL A 23 3.07 -32.63 13.33
N ALA A 24 2.88 -33.00 14.59
CA ALA A 24 3.60 -32.41 15.71
C ALA A 24 4.59 -33.41 16.29
N SER A 25 5.69 -32.91 16.84
CA SER A 25 6.58 -33.76 17.62
C SER A 25 7.21 -32.93 18.73
N GLY A 26 7.73 -33.61 19.75
CA GLY A 26 8.44 -32.93 20.82
C GLY A 26 7.61 -32.55 22.02
N PHE A 27 6.32 -32.89 22.05
CA PHE A 27 5.54 -32.75 23.27
C PHE A 27 4.50 -33.85 23.28
N ILE A 28 3.85 -34.02 24.43
CA ILE A 28 2.82 -35.05 24.56
C ILE A 28 1.56 -34.53 23.87
N PHE A 29 1.42 -34.91 22.59
CA PHE A 29 0.42 -34.31 21.70
C PHE A 29 -0.99 -34.42 22.28
N SER A 30 -1.33 -35.58 22.84
CA SER A 30 -2.72 -35.81 23.24
C SER A 30 -3.15 -34.94 24.41
N ASN A 31 -2.20 -34.35 25.14
CA ASN A 31 -2.55 -33.49 26.24
C ASN A 31 -2.88 -32.06 25.82
N HIS A 32 -2.53 -31.66 24.60
CA HIS A 32 -2.47 -30.25 24.26
C HIS A 32 -3.48 -29.84 23.19
N TRP A 33 -3.72 -28.53 23.13
CA TRP A 33 -4.75 -27.95 22.27
C TRP A 33 -4.11 -27.45 20.99
N MET A 34 -4.56 -27.96 19.85
CA MET A 34 -3.97 -27.63 18.57
C MET A 34 -4.87 -26.64 17.83
N ASN A 35 -4.24 -25.67 17.17
CA ASN A 35 -4.92 -24.54 16.55
C ASN A 35 -4.46 -24.35 15.11
N TRP A 36 -5.32 -23.73 14.32
CA TRP A 36 -4.93 -23.11 13.05
C TRP A 36 -5.10 -21.60 13.17
N VAL A 37 -4.08 -20.87 12.73
CA VAL A 37 -4.06 -19.40 12.72
C VAL A 37 -3.62 -19.00 11.32
N ARG A 38 -4.36 -18.11 10.68
CA ARG A 38 -4.00 -17.74 9.32
C ARG A 38 -3.50 -16.31 9.29
N GLN A 39 -2.84 -15.96 8.18
CA GLN A 39 -2.29 -14.64 8.05
C GLN A 39 -2.49 -14.20 6.61
N SER A 40 -2.95 -12.97 6.42
CA SER A 40 -3.12 -12.37 5.11
C SER A 40 -2.70 -10.90 5.22
N PRO A 41 -2.33 -10.29 4.09
CA PRO A 41 -1.99 -8.85 4.16
C PRO A 41 -3.12 -7.99 4.72
N GLU A 42 -4.36 -8.33 4.38
CA GLU A 42 -5.52 -7.51 4.74
C GLU A 42 -5.92 -7.69 6.21
N LYS A 43 -5.97 -8.94 6.69
CA LYS A 43 -6.48 -9.21 8.03
C LYS A 43 -5.39 -9.45 9.06
N GLY A 44 -4.13 -9.54 8.65
CA GLY A 44 -3.05 -9.84 9.58
C GLY A 44 -3.21 -11.25 10.15
N LEU A 45 -2.78 -11.43 11.40
CA LEU A 45 -2.91 -12.72 12.07
C LEU A 45 -4.32 -12.89 12.61
N GLU A 46 -4.90 -14.07 12.37
CA GLU A 46 -6.31 -14.35 12.61
C GLU A 46 -6.46 -15.79 13.11
N TRP A 47 -6.87 -15.97 14.36
CA TRP A 47 -7.18 -17.32 14.83
C TRP A 47 -8.36 -17.90 14.05
N VAL A 48 -8.25 -19.16 13.67
CA VAL A 48 -9.22 -19.83 12.81
C VAL A 48 -10.00 -20.90 13.57
N ALA A 49 -9.31 -21.84 14.21
CA ALA A 49 -9.99 -22.98 14.84
C ALA A 49 -9.07 -23.61 15.89
N GLU A 50 -9.69 -24.28 16.87
CA GLU A 50 -8.97 -25.00 17.90
C GLU A 50 -9.70 -26.30 18.20
N ILE A 51 -8.92 -27.35 18.46
CA ILE A 51 -9.44 -28.61 19.00
C ILE A 51 -8.68 -28.92 20.29
N ARG A 52 -9.41 -29.16 21.37
CA ARG A 52 -8.80 -29.40 22.66
C ARG A 52 -8.61 -30.90 22.86
N SER A 53 -8.29 -31.32 24.10
CA SER A 53 -7.84 -32.69 24.31
C SER A 53 -9.01 -33.66 24.28
N LYS A 54 -8.70 -34.90 23.91
CA LYS A 54 -9.69 -35.96 24.00
C LYS A 54 -10.27 -36.08 25.41
N SER A 55 -9.49 -35.76 26.44
CA SER A 55 -10.01 -35.88 27.81
C SER A 55 -11.19 -34.95 28.04
N ILE A 56 -11.27 -33.83 27.32
CA ILE A 56 -12.43 -32.96 27.46
C ILE A 56 -13.26 -32.97 26.18
N ASN A 57 -13.52 -34.18 25.65
CA ASN A 57 -14.39 -34.40 24.50
C ASN A 57 -13.87 -33.81 23.20
N SER A 58 -12.55 -33.62 23.08
CA SER A 58 -11.95 -33.11 21.85
C SER A 58 -12.68 -31.86 21.36
N ALA A 59 -13.05 -30.98 22.29
CA ALA A 59 -13.97 -29.89 21.96
C ALA A 59 -13.38 -28.95 20.91
N THR A 60 -14.20 -28.58 19.93
CA THR A 60 -13.76 -27.71 18.84
C THR A 60 -14.38 -26.33 18.95
N HIS A 61 -13.62 -25.31 18.53
CA HIS A 61 -14.08 -23.93 18.52
C HIS A 61 -13.61 -23.30 17.23
N TYR A 62 -14.43 -22.42 16.66
CA TYR A 62 -14.12 -21.80 15.36
C TYR A 62 -14.30 -20.30 15.43
N ALA A 63 -13.48 -19.58 14.66
CA ALA A 63 -13.75 -18.17 14.43
C ALA A 63 -15.09 -18.02 13.73
N GLU A 64 -15.79 -16.91 14.00
CA GLU A 64 -17.11 -16.74 13.41
C GLU A 64 -17.05 -16.75 11.88
N SER A 65 -15.92 -16.31 11.30
CA SER A 65 -15.85 -16.18 9.85
C SER A 65 -15.72 -17.51 9.14
N VAL A 66 -15.41 -18.60 9.84
CA VAL A 66 -15.29 -19.92 9.21
C VAL A 66 -16.29 -20.91 9.79
N LYS A 67 -17.05 -20.54 10.80
CA LYS A 67 -17.95 -21.50 11.44
C LYS A 67 -18.96 -22.03 10.43
N GLY A 68 -19.22 -23.33 10.49
CA GLY A 68 -20.07 -23.98 9.51
C GLY A 68 -19.40 -24.37 8.21
N ARG A 69 -18.21 -23.85 7.92
CA ARG A 69 -17.50 -24.22 6.71
C ARG A 69 -16.26 -25.06 6.96
N PHE A 70 -15.56 -24.81 8.07
CA PHE A 70 -14.33 -25.49 8.43
C PHE A 70 -14.61 -26.50 9.53
N THR A 71 -13.88 -27.62 9.50
CA THR A 71 -13.93 -28.62 10.56
C THR A 71 -12.50 -28.95 10.96
N ILE A 72 -12.19 -28.81 12.24
CA ILE A 72 -10.87 -29.16 12.76
C ILE A 72 -10.99 -30.52 13.44
N SER A 73 -9.98 -31.37 13.27
CA SER A 73 -9.97 -32.71 13.84
C SER A 73 -8.54 -33.07 14.19
N ARG A 74 -8.38 -34.15 14.95
CA ARG A 74 -7.05 -34.60 15.33
C ARG A 74 -6.98 -36.12 15.28
N ASP A 75 -5.76 -36.62 15.08
CA ASP A 75 -5.49 -38.06 15.21
C ASP A 75 -4.29 -38.17 16.15
N ASP A 76 -4.57 -38.54 17.41
CA ASP A 76 -3.49 -38.56 18.40
C ASP A 76 -2.49 -39.66 18.10
N SER A 77 -2.94 -40.77 17.48
CA SER A 77 -2.01 -41.83 17.12
C SER A 77 -0.99 -41.37 16.09
N LYS A 78 -1.31 -40.35 15.29
CA LYS A 78 -0.38 -39.82 14.31
C LYS A 78 0.22 -38.48 14.72
N SER A 79 -0.15 -37.96 15.89
CA SER A 79 0.24 -36.61 16.33
C SER A 79 -0.13 -35.57 15.27
N ALA A 80 -1.34 -35.69 14.73
CA ALA A 80 -1.76 -34.87 13.60
C ALA A 80 -3.02 -34.08 13.92
N VAL A 81 -3.08 -32.86 13.41
CA VAL A 81 -4.28 -32.04 13.45
C VAL A 81 -4.60 -31.63 12.01
N TYR A 82 -5.89 -31.59 11.69
CA TYR A 82 -6.35 -31.37 10.32
C TYR A 82 -7.34 -30.21 10.30
N LEU A 83 -7.39 -29.52 9.16
CA LEU A 83 -8.37 -28.46 8.93
C LEU A 83 -9.05 -28.79 7.60
N GLN A 84 -10.27 -29.30 7.66
CA GLN A 84 -11.06 -29.56 6.46
C GLN A 84 -11.84 -28.28 6.14
N MET A 85 -11.50 -27.64 5.03
CA MET A 85 -12.17 -26.42 4.61
C MET A 85 -13.14 -26.75 3.50
N THR A 86 -14.32 -26.16 3.55
CA THR A 86 -15.32 -26.32 2.50
C THR A 86 -15.89 -24.95 2.16
N ASP A 87 -16.62 -24.89 1.06
CA ASP A 87 -17.24 -23.66 0.60
C ASP A 87 -16.26 -22.48 0.67
N LEU A 88 -15.06 -22.68 0.14
CA LEU A 88 -14.00 -21.70 0.32
C LEU A 88 -14.30 -20.40 -0.43
N ARG A 89 -13.81 -19.30 0.12
CA ARG A 89 -14.02 -17.98 -0.45
C ARG A 89 -12.69 -17.36 -0.77
N THR A 90 -12.71 -16.40 -1.70
CA THR A 90 -11.50 -15.67 -2.08
CA THR A 90 -11.48 -15.71 -2.08
C THR A 90 -10.78 -15.13 -0.85
N GLU A 91 -11.56 -14.62 0.10
CA GLU A 91 -10.99 -14.03 1.31
C GLU A 91 -10.47 -15.06 2.30
N ASP A 92 -10.60 -16.36 2.03
CA ASP A 92 -9.91 -17.38 2.84
C ASP A 92 -8.45 -17.55 2.41
N THR A 93 -8.06 -16.95 1.28
CA THR A 93 -6.67 -17.02 0.82
C THR A 93 -5.73 -16.49 1.89
N GLY A 94 -4.61 -17.19 2.07
CA GLY A 94 -3.60 -16.73 3.02
C GLY A 94 -2.71 -17.89 3.45
N VAL A 95 -1.86 -17.60 4.42
CA VAL A 95 -0.93 -18.59 4.94
C VAL A 95 -1.53 -19.16 6.22
N TYR A 96 -1.60 -20.48 6.30
CA TYR A 96 -2.24 -21.18 7.42
C TYR A 96 -1.17 -21.80 8.30
N TYR A 97 -1.13 -21.39 9.56
CA TYR A 97 -0.16 -21.88 10.54
C TYR A 97 -0.82 -22.87 11.47
N CYS A 98 -0.17 -24.02 11.64
CA CYS A 98 -0.44 -24.90 12.78
C CYS A 98 0.20 -24.31 14.03
N SER A 99 -0.51 -24.40 15.16
CA SER A 99 0.00 -23.73 16.35
C SER A 99 -0.56 -24.41 17.59
N ARG A 100 0.27 -24.48 18.64
CA ARG A 100 -0.19 -24.92 19.96
C ARG A 100 -0.55 -23.70 20.79
N ASN A 101 -1.71 -23.75 21.44
CA ASN A 101 -2.05 -22.76 22.45
C ASN A 101 -1.99 -23.44 23.81
N TYR A 102 -1.36 -22.77 24.78
CA TYR A 102 -1.13 -23.36 26.09
C TYR A 102 -2.36 -23.15 26.98
N TYR A 103 -3.35 -24.04 26.80
CA TYR A 103 -4.55 -24.09 27.65
C TYR A 103 -5.25 -22.74 27.79
N GLY A 104 -5.37 -22.01 26.67
CA GLY A 104 -6.08 -20.74 26.71
C GLY A 104 -5.20 -19.60 27.17
N SER A 105 -4.04 -19.47 26.53
CA SER A 105 -3.14 -18.35 26.83
C SER A 105 -2.32 -18.03 25.58
N THR A 106 -1.03 -18.41 25.57
CA THR A 106 -0.14 -18.08 24.46
C THR A 106 -0.18 -19.13 23.36
N TYR A 107 0.08 -18.70 22.13
CA TYR A 107 0.42 -19.60 21.03
C TYR A 107 1.91 -19.84 21.12
N ASP A 108 2.32 -20.90 21.84
CA ASP A 108 3.71 -20.96 22.23
C ASP A 108 4.60 -21.70 21.22
N TYR A 109 4.02 -22.42 20.27
CA TYR A 109 4.77 -22.99 19.15
C TYR A 109 3.96 -22.84 17.87
N TRP A 110 4.68 -22.65 16.76
CA TRP A 110 4.08 -22.43 15.45
C TRP A 110 4.83 -23.26 14.39
N GLY A 111 4.09 -23.71 13.39
CA GLY A 111 4.69 -24.33 12.23
C GLY A 111 5.25 -23.27 11.30
N GLN A 112 5.49 -23.69 10.06
CA GLN A 112 6.07 -22.81 9.05
C GLN A 112 5.02 -22.24 8.13
N GLY A 113 3.76 -22.65 8.26
CA GLY A 113 2.69 -22.16 7.41
C GLY A 113 2.58 -22.95 6.12
N THR A 114 1.35 -23.10 5.63
CA THR A 114 1.09 -23.63 4.30
C THR A 114 0.13 -22.67 3.60
N THR A 115 0.36 -22.42 2.31
CA THR A 115 -0.33 -21.35 1.61
C THR A 115 -1.58 -21.86 0.90
N LEU A 116 -2.70 -21.20 1.13
CA LEU A 116 -3.94 -21.48 0.43
C LEU A 116 -4.25 -20.34 -0.52
N THR A 117 -4.54 -20.68 -1.77
CA THR A 117 -5.03 -19.71 -2.75
C THR A 117 -6.40 -20.15 -3.23
N VAL A 118 -7.40 -19.29 -3.03
CA VAL A 118 -8.74 -19.53 -3.55
C VAL A 118 -8.93 -18.66 -4.78
N SER A 119 -9.02 -19.29 -5.95
CA SER A 119 -9.05 -18.55 -7.21
C SER A 119 -9.58 -19.46 -8.31
N SER A 120 -10.16 -18.85 -9.34
CA SER A 120 -10.64 -19.61 -10.49
CA SER A 120 -10.64 -19.60 -10.49
C SER A 120 -9.55 -19.87 -11.52
N ALA A 121 -8.37 -19.31 -11.37
CA ALA A 121 -7.32 -19.53 -12.36
C ALA A 121 -6.70 -20.92 -12.16
N SER A 122 -5.95 -21.37 -13.17
CA SER A 122 -5.40 -22.73 -13.19
C SER A 122 -3.96 -22.75 -12.69
N THR A 123 -3.55 -23.90 -12.17
CA THR A 123 -2.15 -24.10 -11.84
C THR A 123 -1.28 -24.02 -13.09
N LYS A 124 -0.14 -23.32 -12.97
CA LYS A 124 0.86 -23.36 -14.03
C LYS A 124 2.25 -23.40 -13.41
N GLY A 125 3.07 -24.34 -13.87
CA GLY A 125 4.42 -24.46 -13.38
C GLY A 125 5.33 -23.46 -14.06
N PRO A 126 6.38 -23.04 -13.36
CA PRO A 126 7.28 -22.01 -13.91
C PRO A 126 8.25 -22.57 -14.92
N SER A 127 8.80 -21.64 -15.71
CA SER A 127 10.03 -21.85 -16.43
C SER A 127 11.16 -21.19 -15.64
N VAL A 128 12.34 -21.80 -15.69
CA VAL A 128 13.49 -21.31 -14.93
C VAL A 128 14.60 -20.97 -15.90
N PHE A 129 15.06 -19.74 -15.86
CA PHE A 129 16.11 -19.32 -16.75
C PHE A 129 17.28 -18.79 -15.95
N PRO A 130 18.50 -18.98 -16.42
CA PRO A 130 19.67 -18.47 -15.68
C PRO A 130 19.82 -16.97 -15.85
N LEU A 131 20.27 -16.33 -14.78
CA LEU A 131 20.75 -14.96 -14.84
C LEU A 131 22.27 -15.07 -14.84
N ALA A 132 22.84 -15.06 -16.04
CA ALA A 132 24.23 -15.49 -16.19
C ALA A 132 25.18 -14.33 -15.92
N PRO A 133 26.18 -14.54 -15.06
CA PRO A 133 27.14 -13.47 -14.78
C PRO A 133 28.04 -13.23 -15.97
N SER A 134 28.52 -12.00 -16.08
CA SER A 134 29.56 -11.69 -17.04
C SER A 134 30.52 -10.71 -16.39
N SER A 135 30.88 -9.65 -17.12
CA SER A 135 31.59 -8.51 -16.56
C SER A 135 30.66 -7.33 -16.27
N LYS A 136 29.51 -7.25 -16.94
CA LYS A 136 28.46 -6.29 -16.60
C LYS A 136 27.62 -6.76 -15.42
N SER A 137 27.96 -7.92 -14.87
CA SER A 137 27.51 -8.38 -13.56
C SER A 137 28.72 -8.76 -12.71
N THR A 138 29.75 -7.90 -12.73
CA THR A 138 30.93 -8.03 -11.87
C THR A 138 31.28 -6.63 -11.36
N SER A 139 31.09 -6.41 -10.06
CA SER A 139 31.37 -5.13 -9.42
C SER A 139 32.66 -5.28 -8.61
N GLY A 140 33.80 -5.15 -9.30
CA GLY A 140 35.10 -5.31 -8.69
C GLY A 140 35.46 -6.76 -8.41
N GLY A 141 35.46 -7.13 -7.13
CA GLY A 141 35.66 -8.50 -6.73
C GLY A 141 34.39 -9.32 -6.57
N THR A 142 33.23 -8.68 -6.69
CA THR A 142 31.93 -9.33 -6.49
C THR A 142 31.22 -9.49 -7.83
N ALA A 143 30.70 -10.68 -8.07
CA ALA A 143 29.85 -10.97 -9.21
C ALA A 143 28.47 -11.35 -8.73
N ALA A 144 27.47 -11.18 -9.58
CA ALA A 144 26.11 -11.60 -9.28
C ALA A 144 25.65 -12.61 -10.32
N LEU A 145 24.88 -13.59 -9.88
CA LEU A 145 24.21 -14.51 -10.78
C LEU A 145 22.86 -14.86 -10.14
N GLY A 146 22.02 -15.55 -10.90
CA GLY A 146 20.72 -15.87 -10.35
C GLY A 146 19.90 -16.75 -11.26
N CYS A 147 18.62 -16.89 -10.88
CA CYS A 147 17.63 -17.63 -11.65
C CYS A 147 16.37 -16.81 -11.76
N LEU A 148 15.82 -16.73 -12.96
CA LEU A 148 14.54 -16.12 -13.23
C LEU A 148 13.49 -17.22 -13.25
N VAL A 149 12.51 -17.12 -12.37
CA VAL A 149 11.45 -18.13 -12.20
C VAL A 149 10.16 -17.50 -12.71
N LYS A 150 9.78 -17.82 -13.95
CA LYS A 150 8.82 -17.02 -14.69
C LYS A 150 7.54 -17.79 -15.01
N ASP A 151 6.40 -17.09 -14.90
CA ASP A 151 5.10 -17.53 -15.39
C ASP A 151 4.51 -18.71 -14.64
N TYR A 152 4.28 -18.57 -13.34
CA TYR A 152 3.71 -19.68 -12.57
C TYR A 152 2.50 -19.20 -11.77
N PHE A 153 1.72 -20.17 -11.31
CA PHE A 153 0.54 -19.91 -10.51
C PHE A 153 0.12 -21.21 -9.83
N PRO A 154 -0.29 -21.15 -8.55
CA PRO A 154 -0.28 -19.98 -7.67
C PRO A 154 1.05 -19.83 -6.96
N GLU A 155 1.14 -18.85 -6.07
CA GLU A 155 2.18 -18.82 -5.04
C GLU A 155 2.04 -20.05 -4.14
N PRO A 156 3.13 -20.49 -3.51
CA PRO A 156 4.50 -19.97 -3.58
C PRO A 156 5.46 -20.86 -4.37
N VAL A 157 6.65 -20.32 -4.65
CA VAL A 157 7.78 -21.15 -5.05
C VAL A 157 8.87 -20.98 -4.02
N THR A 158 9.69 -22.01 -3.84
CA THR A 158 10.87 -21.89 -3.02
C THR A 158 12.11 -22.05 -3.90
N VAL A 159 13.14 -21.28 -3.59
CA VAL A 159 14.39 -21.35 -4.32
C VAL A 159 15.52 -21.53 -3.31
N SER A 160 16.33 -22.54 -3.53
CA SER A 160 17.54 -22.71 -2.75
C SER A 160 18.72 -22.70 -3.71
N TRP A 161 19.92 -22.50 -3.18
CA TRP A 161 21.13 -22.52 -3.98
C TRP A 161 22.04 -23.63 -3.49
N ASN A 162 22.54 -24.43 -4.44
CA ASN A 162 23.42 -25.55 -4.14
C ASN A 162 22.83 -26.41 -3.03
N SER A 163 21.55 -26.77 -3.21
CA SER A 163 20.80 -27.63 -2.29
C SER A 163 20.82 -27.10 -0.85
N GLY A 164 20.89 -25.78 -0.70
CA GLY A 164 20.88 -25.18 0.61
C GLY A 164 22.24 -24.92 1.20
N ALA A 165 23.32 -25.40 0.55
CA ALA A 165 24.67 -25.10 1.02
C ALA A 165 25.03 -23.63 0.86
N LEU A 166 24.39 -22.91 -0.06
CA LEU A 166 24.73 -21.53 -0.35
C LEU A 166 23.55 -20.65 0.10
N THR A 167 23.78 -19.84 1.13
CA THR A 167 22.72 -18.98 1.67
C THR A 167 23.20 -17.55 1.85
N SER A 168 24.49 -17.37 2.10
CA SER A 168 25.02 -16.02 2.22
C SER A 168 24.89 -15.29 0.89
N GLY A 169 24.46 -14.03 0.97
CA GLY A 169 24.34 -13.18 -0.21
C GLY A 169 23.15 -13.47 -1.11
N VAL A 170 22.30 -14.42 -0.74
CA VAL A 170 21.16 -14.79 -1.58
C VAL A 170 20.03 -13.79 -1.34
N HIS A 171 19.40 -13.35 -2.43
CA HIS A 171 18.19 -12.53 -2.33
C HIS A 171 17.14 -13.17 -3.23
N THR A 172 16.07 -13.68 -2.64
CA THR A 172 14.95 -14.17 -3.45
C THR A 172 13.84 -13.14 -3.34
N PHE A 173 13.56 -12.48 -4.46
CA PHE A 173 12.67 -11.33 -4.44
C PHE A 173 11.21 -11.77 -4.28
N PRO A 174 10.40 -10.93 -3.64
CA PRO A 174 8.96 -11.15 -3.65
C PRO A 174 8.47 -11.35 -5.07
N ALA A 175 7.55 -12.29 -5.24
CA ALA A 175 6.94 -12.51 -6.54
C ALA A 175 6.12 -11.30 -6.95
N VAL A 176 6.10 -11.02 -8.25
CA VAL A 176 5.28 -9.96 -8.79
C VAL A 176 4.26 -10.59 -9.72
N LEU A 177 3.01 -10.17 -9.59
CA LEU A 177 1.94 -10.61 -10.48
C LEU A 177 2.07 -9.88 -11.80
N GLN A 178 2.19 -10.64 -12.89
CA GLN A 178 2.29 -10.02 -14.21
C GLN A 178 0.90 -9.75 -14.76
N SER A 179 0.84 -8.90 -15.80
CA SER A 179 -0.44 -8.57 -16.39
C SER A 179 -1.13 -9.79 -16.99
N SER A 180 -0.38 -10.86 -17.28
CA SER A 180 -0.96 -12.11 -17.74
C SER A 180 -1.72 -12.85 -16.65
N GLY A 181 -1.59 -12.43 -15.39
CA GLY A 181 -2.14 -13.17 -14.27
C GLY A 181 -1.22 -14.21 -13.68
N LEU A 182 -0.01 -14.35 -14.21
CA LEU A 182 0.99 -15.30 -13.69
C LEU A 182 2.06 -14.56 -12.91
N TYR A 183 2.65 -15.27 -11.95
CA TYR A 183 3.71 -14.73 -11.12
C TYR A 183 5.08 -14.90 -11.79
N SER A 184 6.00 -14.03 -11.39
CA SER A 184 7.40 -14.14 -11.75
CA SER A 184 7.40 -14.14 -11.75
C SER A 184 8.25 -13.64 -10.60
N LEU A 185 9.41 -14.26 -10.42
CA LEU A 185 10.37 -13.75 -9.45
C LEU A 185 11.77 -14.10 -9.92
N SER A 186 12.75 -13.42 -9.35
CA SER A 186 14.16 -13.81 -9.48
C SER A 186 14.75 -14.10 -8.12
N SER A 187 15.72 -15.01 -8.12
CA SER A 187 16.57 -15.25 -6.97
C SER A 187 17.99 -14.99 -7.43
N VAL A 188 18.71 -14.14 -6.71
CA VAL A 188 20.07 -13.80 -7.08
C VAL A 188 20.99 -14.10 -5.90
N VAL A 189 22.28 -14.19 -6.20
CA VAL A 189 23.28 -14.32 -5.16
C VAL A 189 24.53 -13.60 -5.64
N THR A 190 25.23 -12.96 -4.72
CA THR A 190 26.51 -12.33 -5.03
C THR A 190 27.62 -13.22 -4.53
N VAL A 191 28.63 -13.41 -5.37
CA VAL A 191 29.72 -14.37 -5.13
C VAL A 191 31.03 -13.72 -5.51
N PRO A 192 32.15 -14.25 -5.01
CA PRO A 192 33.44 -13.72 -5.46
C PRO A 192 33.59 -13.93 -6.96
N SER A 193 33.99 -12.88 -7.67
CA SER A 193 34.17 -13.02 -9.10
C SER A 193 35.19 -14.12 -9.42
N SER A 194 36.19 -14.32 -8.55
CA SER A 194 37.17 -15.37 -8.79
C SER A 194 36.56 -16.76 -8.78
N SER A 195 35.37 -16.93 -8.21
CA SER A 195 34.74 -18.24 -8.14
C SER A 195 33.92 -18.58 -9.38
N LEU A 196 33.70 -17.63 -10.29
CA LEU A 196 33.03 -17.93 -11.55
C LEU A 196 33.87 -18.89 -12.37
N GLY A 197 33.25 -19.94 -12.89
CA GLY A 197 33.95 -20.93 -13.67
C GLY A 197 34.80 -21.90 -12.87
N THR A 198 34.92 -21.69 -11.56
CA THR A 198 35.64 -22.63 -10.71
C THR A 198 34.75 -23.26 -9.65
N GLN A 199 33.65 -22.61 -9.28
N GLN A 199 33.65 -22.62 -9.29
CA GLN A 199 32.64 -23.18 -8.39
CA GLN A 199 32.65 -23.20 -8.40
C GLN A 199 31.32 -23.30 -9.14
C GLN A 199 31.33 -23.30 -9.16
N THR A 200 30.59 -24.38 -8.87
CA THR A 200 29.30 -24.60 -9.51
C THR A 200 28.19 -23.93 -8.71
N TYR A 201 27.26 -23.30 -9.44
CA TYR A 201 26.11 -22.64 -8.86
C TYR A 201 24.84 -23.19 -9.49
N ILE A 202 24.00 -23.81 -8.66
CA ILE A 202 22.75 -24.40 -9.11
C ILE A 202 21.62 -23.84 -8.26
N CYS A 203 20.58 -23.31 -8.90
CA CYS A 203 19.37 -22.93 -8.19
C CYS A 203 18.38 -24.09 -8.21
N ASN A 204 17.85 -24.42 -7.05
CA ASN A 204 16.85 -25.46 -6.91
C ASN A 204 15.50 -24.80 -6.73
N VAL A 205 14.64 -24.90 -7.75
CA VAL A 205 13.32 -24.29 -7.73
C VAL A 205 12.28 -25.38 -7.47
N ASN A 206 11.39 -25.12 -6.53
CA ASN A 206 10.30 -26.05 -6.24
C ASN A 206 9.00 -25.26 -6.31
N HIS A 207 8.07 -25.72 -7.13
CA HIS A 207 6.71 -25.19 -7.18
C HIS A 207 5.80 -26.40 -6.99
N LYS A 208 5.39 -26.62 -5.74
CA LYS A 208 4.63 -27.82 -5.39
C LYS A 208 3.31 -27.94 -6.17
N PRO A 209 2.50 -26.89 -6.35
CA PRO A 209 1.21 -27.08 -7.03
C PRO A 209 1.33 -27.69 -8.43
N SER A 210 2.46 -27.48 -9.11
CA SER A 210 2.65 -28.06 -10.43
C SER A 210 3.62 -29.23 -10.40
N ASN A 211 4.06 -29.64 -9.21
CA ASN A 211 5.07 -30.68 -9.06
C ASN A 211 6.33 -30.33 -9.84
N THR A 212 6.68 -29.04 -9.87
CA THR A 212 7.90 -28.61 -10.52
C THR A 212 9.04 -28.65 -9.52
N LYS A 213 10.09 -29.39 -9.84
CA LYS A 213 11.32 -29.43 -9.06
C LYS A 213 12.44 -29.39 -10.09
N VAL A 214 13.00 -28.21 -10.29
CA VAL A 214 13.98 -27.95 -11.34
C VAL A 214 15.27 -27.52 -10.68
N ASP A 215 16.38 -28.09 -11.17
CA ASP A 215 17.72 -27.64 -10.79
C ASP A 215 18.35 -27.01 -12.02
N LYS A 216 18.70 -25.72 -11.93
CA LYS A 216 19.28 -25.02 -13.07
C LYS A 216 20.71 -24.62 -12.73
N LYS A 217 21.66 -25.13 -13.50
CA LYS A 217 23.05 -24.71 -13.38
C LYS A 217 23.23 -23.35 -14.05
N VAL A 218 23.82 -22.40 -13.34
CA VAL A 218 24.01 -21.05 -13.83
C VAL A 218 25.49 -20.87 -14.11
N GLU A 219 25.85 -20.78 -15.40
CA GLU A 219 27.23 -20.64 -15.82
C GLU A 219 27.45 -19.27 -16.48
N PRO A 220 28.67 -18.75 -16.45
CA PRO A 220 28.96 -17.58 -17.29
C PRO A 220 28.77 -17.95 -18.75
N LYS A 221 28.39 -16.96 -19.56
CA LYS A 221 28.08 -17.22 -20.97
C LYS A 221 29.33 -17.20 -21.84
N SER A 222 29.35 -18.09 -22.84
CA SER A 222 30.35 -18.18 -23.91
C SER A 222 31.69 -17.44 -23.70
N ASP B 1 -15.84 -8.55 20.64
CA ASP B 1 -14.46 -9.03 20.64
C ASP B 1 -13.55 -7.86 20.97
N ILE B 2 -12.37 -8.16 21.53
CA ILE B 2 -11.46 -7.11 21.97
C ILE B 2 -10.54 -6.74 20.82
N LEU B 3 -10.49 -5.45 20.50
CA LEU B 3 -9.62 -4.95 19.46
C LEU B 3 -8.31 -4.50 20.07
N LEU B 4 -7.19 -4.96 19.52
CA LEU B 4 -5.87 -4.48 19.93
C LEU B 4 -5.35 -3.52 18.88
N THR B 5 -5.03 -2.30 19.29
CA THR B 5 -4.57 -1.25 18.37
C THR B 5 -3.07 -1.07 18.56
N GLN B 6 -2.32 -1.30 17.51
CA GLN B 6 -0.88 -1.09 17.48
C GLN B 6 -0.62 0.12 16.60
N SER B 7 -0.30 1.24 17.25
CA SER B 7 -0.03 2.49 16.53
C SER B 7 1.15 3.20 17.20
N PRO B 8 2.17 3.62 16.44
CA PRO B 8 2.32 3.54 14.98
C PRO B 8 2.46 2.13 14.45
N ALA B 9 2.12 1.96 13.18
CA ALA B 9 2.32 0.70 12.49
C ALA B 9 3.74 0.56 11.94
N ILE B 10 4.49 1.65 11.87
CA ILE B 10 5.85 1.63 11.35
C ILE B 10 6.74 2.43 12.29
N LEU B 11 7.86 1.85 12.69
CA LEU B 11 8.85 2.54 13.50
C LEU B 11 10.21 2.40 12.83
N SER B 12 10.99 3.48 12.88
CA SER B 12 12.35 3.48 12.37
C SER B 12 13.25 4.10 13.44
N VAL B 13 14.28 3.35 13.83
CA VAL B 13 15.18 3.78 14.90
C VAL B 13 16.61 3.56 14.45
N SER B 14 17.52 4.37 15.00
CA SER B 14 18.95 4.19 14.76
C SER B 14 19.48 3.05 15.63
N PRO B 15 20.50 2.34 15.16
CA PRO B 15 21.06 1.24 15.96
C PRO B 15 21.61 1.75 17.29
N GLY B 16 21.48 0.92 18.31
CA GLY B 16 21.90 1.30 19.64
C GLY B 16 20.88 2.06 20.45
N GLU B 17 19.81 2.54 19.85
CA GLU B 17 18.79 3.29 20.57
C GLU B 17 17.69 2.36 21.08
N ARG B 18 16.93 2.87 22.04
CA ARG B 18 15.78 2.17 22.58
C ARG B 18 14.56 2.40 21.68
N VAL B 19 13.70 1.40 21.57
CA VAL B 19 12.44 1.53 20.85
C VAL B 19 11.34 0.91 21.70
N SER B 20 10.14 1.48 21.62
CA SER B 20 8.97 0.99 22.33
C SER B 20 7.82 0.81 21.35
N PHE B 21 7.18 -0.35 21.40
CA PHE B 21 5.99 -0.65 20.62
C PHE B 21 4.75 -0.54 21.51
N SER B 22 3.68 0.03 20.97
CA SER B 22 2.46 0.28 21.72
C SER B 22 1.39 -0.70 21.30
N CYS B 23 0.70 -1.27 22.30
CA CYS B 23 -0.47 -2.11 22.09
C CYS B 23 -1.54 -1.64 23.06
N ARG B 24 -2.69 -1.20 22.54
CA ARG B 24 -3.77 -0.72 23.39
C ARG B 24 -5.02 -1.55 23.12
N ALA B 25 -5.63 -2.05 24.20
CA ALA B 25 -6.81 -2.88 24.11
C ALA B 25 -8.08 -2.04 24.24
N SER B 26 -9.10 -2.40 23.48
CA SER B 26 -10.36 -1.66 23.56
C SER B 26 -11.13 -1.97 24.84
N GLN B 27 -10.78 -3.04 25.55
CA GLN B 27 -11.37 -3.38 26.83
C GLN B 27 -10.26 -3.86 27.75
N PHE B 28 -10.55 -3.85 29.05
CA PHE B 28 -9.63 -4.37 30.06
C PHE B 28 -9.20 -5.78 29.70
N VAL B 29 -7.88 -6.02 29.72
CA VAL B 29 -7.36 -7.38 29.49
C VAL B 29 -6.44 -7.80 30.63
N GLY B 30 -6.44 -7.06 31.73
CA GLY B 30 -5.58 -7.41 32.86
C GLY B 30 -4.11 -7.35 32.47
N SER B 31 -3.40 -8.47 32.66
CA SER B 31 -2.03 -8.60 32.20
C SER B 31 -1.89 -9.56 31.03
N SER B 32 -3.00 -9.98 30.43
CA SER B 32 -2.98 -11.11 29.49
C SER B 32 -2.70 -10.64 28.07
N ILE B 33 -1.55 -10.00 27.90
CA ILE B 33 -1.05 -9.55 26.60
C ILE B 33 0.27 -10.24 26.34
N HIS B 34 0.41 -10.84 25.16
CA HIS B 34 1.59 -11.58 24.76
C HIS B 34 2.14 -10.96 23.49
N TRP B 35 3.47 -10.95 23.37
CA TRP B 35 4.13 -10.31 22.23
C TRP B 35 4.86 -11.36 21.39
N TYR B 36 4.78 -11.20 20.07
CA TYR B 36 5.40 -12.09 19.11
C TYR B 36 6.28 -11.28 18.15
N GLN B 37 7.35 -11.90 17.68
CA GLN B 37 8.22 -11.35 16.66
C GLN B 37 8.09 -12.21 15.41
N GLN B 38 7.89 -11.59 14.25
CA GLN B 38 7.83 -12.34 13.01
C GLN B 38 8.80 -11.69 12.02
N ARG B 39 9.91 -12.38 11.78
CA ARG B 39 10.84 -11.93 10.78
C ARG B 39 10.31 -12.27 9.39
N THR B 40 10.86 -11.59 8.39
CA THR B 40 10.47 -11.81 7.01
C THR B 40 10.58 -13.29 6.63
N ASN B 41 9.52 -13.82 6.03
CA ASN B 41 9.43 -15.21 5.60
C ASN B 41 9.45 -16.19 6.78
N GLY B 42 9.32 -15.71 8.01
CA GLY B 42 9.36 -16.56 9.18
C GLY B 42 8.01 -16.69 9.87
N SER B 43 8.00 -17.52 10.92
CA SER B 43 6.78 -17.71 11.70
CA SER B 43 6.78 -17.70 11.69
C SER B 43 6.81 -16.84 12.96
N PRO B 44 5.65 -16.49 13.49
CA PRO B 44 5.64 -15.75 14.76
C PRO B 44 6.40 -16.51 15.83
N ARG B 45 7.16 -15.78 16.64
CA ARG B 45 7.92 -16.36 17.75
C ARG B 45 7.51 -15.66 19.04
N LEU B 46 7.07 -16.43 20.03
CA LEU B 46 6.63 -15.84 21.28
C LEU B 46 7.81 -15.22 22.03
N LEU B 47 7.70 -13.94 22.38
CA LEU B 47 8.78 -13.23 23.08
C LEU B 47 8.49 -13.00 24.55
N ILE B 48 7.30 -12.47 24.84
CA ILE B 48 6.91 -12.04 26.17
C ILE B 48 5.51 -12.60 26.41
N LYS B 49 5.30 -13.25 27.54
CA LYS B 49 3.95 -13.63 27.92
C LYS B 49 3.50 -12.81 29.13
N TYR B 50 2.19 -12.54 29.17
CA TYR B 50 1.57 -11.88 30.31
C TYR B 50 2.23 -10.53 30.62
N ALA B 51 2.35 -9.72 29.58
CA ALA B 51 2.79 -8.32 29.60
C ALA B 51 4.29 -8.15 29.83
N SER B 52 4.87 -8.92 30.74
CA SER B 52 6.23 -8.63 31.19
C SER B 52 7.14 -9.84 31.34
N GLU B 53 6.68 -11.07 31.10
CA GLU B 53 7.49 -12.24 31.39
C GLU B 53 8.14 -12.70 30.09
N SER B 54 9.45 -12.50 29.98
CA SER B 54 10.15 -12.87 28.75
C SER B 54 10.37 -14.37 28.71
N MET B 55 10.22 -14.96 27.53
CA MET B 55 10.39 -16.39 27.41
C MET B 55 11.87 -16.76 27.51
N SER B 56 12.12 -18.04 27.80
CA SER B 56 13.48 -18.55 27.85
C SER B 56 14.14 -18.40 26.48
N GLY B 57 15.41 -17.95 26.49
CA GLY B 57 16.17 -17.79 25.28
C GLY B 57 16.00 -16.47 24.56
N ILE B 58 15.07 -15.64 24.99
CA ILE B 58 14.86 -14.32 24.40
C ILE B 58 15.95 -13.38 24.91
N PRO B 59 16.60 -12.60 24.04
CA PRO B 59 17.67 -11.69 24.52
C PRO B 59 17.17 -10.75 25.59
N SER B 60 18.07 -10.38 26.50
CA SER B 60 17.70 -9.59 27.67
C SER B 60 17.29 -8.17 27.31
N ARG B 61 17.63 -7.67 26.13
CA ARG B 61 17.25 -6.33 25.74
C ARG B 61 15.75 -6.19 25.47
N PHE B 62 15.02 -7.30 25.35
CA PHE B 62 13.56 -7.26 25.21
C PHE B 62 12.92 -7.24 26.58
N SER B 63 11.98 -6.31 26.78
CA SER B 63 11.18 -6.32 27.99
C SER B 63 9.78 -5.85 27.63
N GLY B 64 8.85 -6.09 28.54
CA GLY B 64 7.48 -5.66 28.34
C GLY B 64 6.93 -5.10 29.64
N SER B 65 5.94 -4.23 29.51
CA SER B 65 5.27 -3.72 30.71
C SER B 65 3.85 -3.32 30.32
N GLY B 66 3.08 -2.97 31.34
CA GLY B 66 1.71 -2.56 31.13
C GLY B 66 0.70 -3.44 31.84
N SER B 67 -0.49 -2.90 32.04
CA SER B 67 -1.62 -3.66 32.54
C SER B 67 -2.88 -2.86 32.24
N GLY B 68 -4.03 -3.52 32.37
CA GLY B 68 -5.28 -2.84 32.10
C GLY B 68 -5.56 -2.78 30.61
N THR B 69 -5.26 -1.66 29.95
CA THR B 69 -5.47 -1.58 28.51
C THR B 69 -4.27 -1.05 27.72
N ASP B 70 -3.18 -0.67 28.37
CA ASP B 70 -2.07 0.00 27.71
CA ASP B 70 -2.07 -0.01 27.69
C ASP B 70 -0.79 -0.79 27.95
N PHE B 71 -0.15 -1.25 26.88
CA PHE B 71 0.98 -2.16 26.96
C PHE B 71 2.10 -1.70 26.04
N THR B 72 3.32 -2.05 26.44
CA THR B 72 4.52 -1.62 25.73
C THR B 72 5.51 -2.77 25.66
N LEU B 73 6.03 -3.02 24.46
CA LEU B 73 7.20 -3.87 24.25
C LEU B 73 8.40 -2.96 24.00
N SER B 74 9.51 -3.22 24.69
CA SER B 74 10.68 -2.37 24.56
C SER B 74 11.90 -3.19 24.19
N ILE B 75 12.72 -2.63 23.29
CA ILE B 75 14.02 -3.20 22.96
C ILE B 75 15.06 -2.16 23.35
N ASN B 76 15.91 -2.49 24.33
CA ASN B 76 16.74 -1.46 24.96
C ASN B 76 17.84 -0.98 24.02
N THR B 77 18.57 -1.90 23.41
CA THR B 77 19.50 -1.57 22.34
C THR B 77 19.02 -2.32 21.12
N VAL B 78 18.77 -1.60 20.04
CA VAL B 78 18.25 -2.19 18.82
C VAL B 78 19.41 -2.58 17.91
N GLU B 79 19.41 -3.82 17.46
CA GLU B 79 20.31 -4.30 16.42
C GLU B 79 19.53 -4.63 15.17
N SER B 80 20.25 -4.72 14.05
CA SER B 80 19.61 -5.07 12.78
C SER B 80 18.86 -6.39 12.87
N GLU B 81 19.31 -7.30 13.75
CA GLU B 81 18.62 -8.57 13.92
CA GLU B 81 18.63 -8.57 13.95
C GLU B 81 17.19 -8.39 14.40
N ASP B 82 16.86 -7.25 15.00
CA ASP B 82 15.53 -6.99 15.51
C ASP B 82 14.54 -6.53 14.44
N ILE B 83 15.00 -6.30 13.22
CA ILE B 83 14.12 -5.97 12.09
C ILE B 83 13.08 -7.07 11.93
N ALA B 84 11.80 -6.72 12.09
CA ALA B 84 10.73 -7.71 12.08
C ALA B 84 9.42 -6.96 12.22
N ASP B 85 8.32 -7.70 12.07
CA ASP B 85 7.01 -7.26 12.51
C ASP B 85 6.76 -7.76 13.94
N TYR B 86 6.16 -6.91 14.77
CA TYR B 86 5.88 -7.26 16.16
C TYR B 86 4.37 -7.16 16.41
N TYR B 87 3.81 -8.24 16.97
CA TYR B 87 2.38 -8.40 17.16
C TYR B 87 2.06 -8.59 18.64
N CYS B 88 1.00 -7.95 19.11
CA CYS B 88 0.45 -8.30 20.41
C CYS B 88 -0.78 -9.19 20.25
N GLN B 89 -1.11 -9.90 21.33
CA GLN B 89 -2.22 -10.84 21.37
C GLN B 89 -2.78 -10.82 22.78
N GLN B 90 -4.11 -10.82 22.92
CA GLN B 90 -4.72 -10.91 24.24
C GLN B 90 -5.32 -12.29 24.44
N SER B 91 -5.22 -12.81 25.66
CA SER B 91 -5.94 -14.03 26.00
C SER B 91 -6.79 -13.77 27.24
N HIS B 92 -7.17 -12.52 27.48
CA HIS B 92 -8.07 -12.23 28.57
C HIS B 92 -9.44 -12.86 28.34
N SER B 93 -9.97 -12.75 27.13
CA SER B 93 -11.23 -13.42 26.86
C SER B 93 -11.31 -13.88 25.41
N TRP B 94 -12.32 -14.69 25.15
CA TRP B 94 -12.49 -15.43 23.91
C TRP B 94 -13.35 -14.64 22.93
N PRO B 95 -13.00 -14.66 21.63
CA PRO B 95 -11.86 -15.32 20.99
C PRO B 95 -10.59 -14.51 21.19
N PHE B 96 -9.44 -15.18 21.15
CA PHE B 96 -8.18 -14.47 21.23
C PHE B 96 -7.98 -13.66 19.96
N THR B 97 -7.46 -12.45 20.12
CA THR B 97 -7.28 -11.52 19.02
C THR B 97 -5.85 -10.97 19.02
N PHE B 98 -5.42 -10.54 17.84
CA PHE B 98 -4.07 -10.04 17.61
C PHE B 98 -4.16 -8.58 17.18
N GLY B 99 -3.14 -7.80 17.54
CA GLY B 99 -2.96 -6.51 16.92
C GLY B 99 -2.58 -6.65 15.45
N SER B 100 -2.64 -5.53 14.74
CA SER B 100 -2.30 -5.50 13.32
C SER B 100 -0.81 -5.49 13.06
N GLY B 101 0.01 -5.35 14.09
CA GLY B 101 1.45 -5.44 13.92
C GLY B 101 2.11 -4.09 13.71
N THR B 102 3.33 -3.97 14.22
CA THR B 102 4.17 -2.79 14.02
C THR B 102 5.50 -3.25 13.42
N ASN B 103 5.90 -2.62 12.33
CA ASN B 103 7.14 -2.99 11.67
C ASN B 103 8.30 -2.15 12.21
N LEU B 104 9.43 -2.81 12.46
CA LEU B 104 10.64 -2.12 12.90
C LEU B 104 11.62 -2.02 11.74
N GLU B 105 11.96 -0.81 11.35
CA GLU B 105 13.08 -0.53 10.47
C GLU B 105 14.24 -0.02 11.30
N VAL B 106 15.45 -0.49 10.99
CA VAL B 106 16.64 -0.06 11.71
C VAL B 106 17.48 0.77 10.75
N LYS B 107 17.67 2.05 11.08
CA LYS B 107 18.44 2.94 10.23
C LYS B 107 19.90 2.48 10.15
N ARG B 108 20.57 2.92 9.10
CA ARG B 108 21.97 2.64 8.92
C ARG B 108 22.53 3.75 8.03
N THR B 109 23.85 3.77 7.91
CA THR B 109 24.49 4.73 7.03
C THR B 109 24.07 4.48 5.58
N VAL B 110 24.17 5.52 4.77
CA VAL B 110 23.80 5.40 3.36
C VAL B 110 24.70 4.36 2.69
N ALA B 111 24.09 3.50 1.87
CA ALA B 111 24.83 2.50 1.12
C ALA B 111 24.34 2.53 -0.31
N ALA B 112 25.21 2.89 -1.24
CA ALA B 112 24.87 2.87 -2.66
C ALA B 112 24.72 1.43 -3.13
N PRO B 113 23.83 1.16 -4.08
CA PRO B 113 23.70 -0.22 -4.59
C PRO B 113 24.87 -0.59 -5.47
N SER B 114 25.22 -1.88 -5.45
CA SER B 114 25.97 -2.46 -6.54
C SER B 114 24.97 -2.82 -7.64
N VAL B 115 25.28 -2.48 -8.88
CA VAL B 115 24.33 -2.65 -9.97
C VAL B 115 24.83 -3.71 -10.93
N PHE B 116 23.92 -4.59 -11.36
CA PHE B 116 24.24 -5.66 -12.29
C PHE B 116 23.12 -5.78 -13.32
N ILE B 117 23.50 -6.02 -14.58
CA ILE B 117 22.51 -6.24 -15.63
C ILE B 117 22.71 -7.65 -16.19
N PHE B 118 21.59 -8.29 -16.52
CA PHE B 118 21.59 -9.66 -17.03
C PHE B 118 20.88 -9.70 -18.37
N PRO B 119 21.53 -10.13 -19.44
CA PRO B 119 20.82 -10.32 -20.72
C PRO B 119 19.84 -11.46 -20.60
N PRO B 120 18.88 -11.56 -21.52
CA PRO B 120 18.02 -12.75 -21.52
C PRO B 120 18.83 -13.97 -21.93
N SER B 121 18.48 -15.10 -21.34
CA SER B 121 19.16 -16.34 -21.67
C SER B 121 18.83 -16.77 -23.09
N ASP B 122 19.77 -17.48 -23.71
CA ASP B 122 19.47 -18.12 -25.00
C ASP B 122 18.26 -19.03 -24.87
N GLU B 123 18.14 -19.73 -23.74
CA GLU B 123 17.01 -20.63 -23.54
C GLU B 123 15.68 -19.90 -23.68
N GLN B 124 15.55 -18.75 -22.99
CA GLN B 124 14.29 -18.03 -23.02
C GLN B 124 14.01 -17.44 -24.38
N LEU B 125 15.07 -17.01 -25.09
CA LEU B 125 14.88 -16.43 -26.41
C LEU B 125 14.28 -17.44 -27.38
N LYS B 126 14.59 -18.73 -27.21
CA LYS B 126 13.97 -19.75 -28.05
C LYS B 126 12.46 -19.82 -27.82
N SER B 127 11.96 -19.35 -26.68
CA SER B 127 10.54 -19.35 -26.39
C SER B 127 9.84 -18.08 -26.88
N GLY B 128 10.55 -17.17 -27.54
CA GLY B 128 9.94 -15.99 -28.11
C GLY B 128 9.81 -14.79 -27.20
N THR B 129 10.38 -14.83 -26.00
CA THR B 129 10.33 -13.71 -25.07
C THR B 129 11.74 -13.43 -24.55
N ALA B 130 11.99 -12.15 -24.25
CA ALA B 130 13.24 -11.71 -23.64
C ALA B 130 12.93 -10.96 -22.35
N SER B 131 13.47 -11.45 -21.24
CA SER B 131 13.48 -10.72 -19.99
C SER B 131 14.90 -10.24 -19.72
N VAL B 132 15.04 -8.94 -19.50
CA VAL B 132 16.30 -8.32 -19.13
C VAL B 132 16.18 -7.89 -17.68
N VAL B 133 17.14 -8.27 -16.84
CA VAL B 133 17.03 -8.02 -15.41
C VAL B 133 18.13 -7.06 -14.98
N CYS B 134 17.75 -6.08 -14.17
CA CYS B 134 18.68 -5.18 -13.52
C CYS B 134 18.58 -5.36 -12.02
N LEU B 135 19.72 -5.60 -11.37
CA LEU B 135 19.77 -5.84 -9.93
C LEU B 135 20.47 -4.69 -9.23
N LEU B 136 19.83 -4.16 -8.17
CA LEU B 136 20.39 -3.18 -7.25
C LEU B 136 20.58 -3.88 -5.91
N ASN B 137 21.82 -4.10 -5.51
CA ASN B 137 22.09 -4.99 -4.40
C ASN B 137 22.55 -4.20 -3.18
N ASN B 138 21.85 -4.42 -2.07
CA ASN B 138 22.29 -4.08 -0.71
C ASN B 138 22.47 -2.58 -0.54
N PHE B 139 21.39 -1.84 -0.73
CA PHE B 139 21.45 -0.39 -0.63
C PHE B 139 20.56 0.11 0.50
N TYR B 140 20.82 1.36 0.89
CA TYR B 140 20.05 2.06 1.90
C TYR B 140 20.28 3.56 1.71
N PRO B 141 19.20 4.37 1.77
CA PRO B 141 17.81 4.01 2.06
C PRO B 141 17.08 3.36 0.88
N ARG B 142 15.79 3.09 1.09
CA ARG B 142 15.03 2.24 0.17
C ARG B 142 14.77 2.94 -1.17
N GLU B 143 14.63 4.26 -1.15
CA GLU B 143 14.27 5.00 -2.35
C GLU B 143 15.34 4.86 -3.43
N ALA B 144 14.94 4.41 -4.61
CA ALA B 144 15.85 4.28 -5.74
C ALA B 144 15.06 4.47 -7.01
N LYS B 145 15.75 4.88 -8.07
CA LYS B 145 15.12 5.07 -9.36
C LYS B 145 15.88 4.25 -10.40
N VAL B 146 15.14 3.43 -11.16
CA VAL B 146 15.70 2.62 -12.24
C VAL B 146 15.01 2.99 -13.54
N GLN B 147 15.81 3.30 -14.56
CA GLN B 147 15.26 3.58 -15.89
C GLN B 147 15.88 2.64 -16.91
N TRP B 148 15.05 2.16 -17.83
CA TRP B 148 15.50 1.31 -18.92
C TRP B 148 15.63 2.12 -20.20
N LYS B 149 16.77 2.00 -20.87
CA LYS B 149 16.99 2.64 -22.16
C LYS B 149 17.46 1.58 -23.15
N VAL B 150 16.83 1.57 -24.31
CA VAL B 150 17.10 0.61 -25.38
C VAL B 150 17.47 1.42 -26.62
N ASP B 151 18.73 1.33 -27.03
CA ASP B 151 19.33 2.26 -28.00
C ASP B 151 19.01 3.71 -27.63
N ASN B 152 19.18 4.02 -26.35
CA ASN B 152 18.98 5.32 -25.73
C ASN B 152 17.53 5.78 -25.73
N ALA B 153 16.58 4.90 -26.08
CA ALA B 153 15.17 5.24 -26.02
C ALA B 153 14.60 4.82 -24.67
N LEU B 154 14.05 5.77 -23.92
CA LEU B 154 13.53 5.49 -22.59
C LEU B 154 12.31 4.58 -22.67
N GLN B 155 12.35 3.49 -21.90
CA GLN B 155 11.26 2.50 -21.95
C GLN B 155 10.18 2.85 -20.92
N SER B 156 8.94 2.51 -21.26
CA SER B 156 7.81 2.77 -20.38
C SER B 156 6.79 1.64 -20.50
N GLY B 157 6.22 1.25 -19.37
CA GLY B 157 5.11 0.32 -19.34
C GLY B 157 5.46 -1.14 -19.59
N ASN B 158 6.75 -1.47 -19.69
CA ASN B 158 7.16 -2.85 -19.99
C ASN B 158 8.18 -3.37 -18.97
N SER B 159 8.21 -2.80 -17.77
CA SER B 159 9.07 -3.29 -16.71
C SER B 159 8.30 -3.37 -15.40
N GLN B 160 8.78 -4.23 -14.50
CA GLN B 160 8.23 -4.35 -13.16
C GLN B 160 9.37 -4.46 -12.16
N GLU B 161 9.16 -3.91 -10.98
CA GLU B 161 10.17 -3.94 -9.93
C GLU B 161 9.71 -4.81 -8.77
N SER B 162 10.68 -5.34 -8.03
CA SER B 162 10.43 -6.07 -6.80
C SER B 162 11.51 -5.67 -5.82
N VAL B 163 11.14 -5.38 -4.57
CA VAL B 163 12.07 -4.96 -3.55
C VAL B 163 12.02 -5.97 -2.40
N THR B 164 13.18 -6.35 -1.89
CA THR B 164 13.18 -7.20 -0.70
C THR B 164 12.79 -6.38 0.53
N GLU B 165 12.40 -7.09 1.58
CA GLU B 165 12.30 -6.45 2.88
C GLU B 165 13.70 -6.18 3.42
N GLN B 166 13.78 -5.23 4.36
CA GLN B 166 15.08 -4.86 4.92
C GLN B 166 15.80 -6.07 5.49
N ASP B 167 17.11 -6.14 5.22
CA ASP B 167 17.90 -7.30 5.61
C ASP B 167 18.22 -7.25 7.10
N SER B 168 18.00 -8.35 7.82
CA SER B 168 18.26 -8.29 9.26
C SER B 168 19.73 -8.45 9.61
N LYS B 169 20.60 -8.71 8.64
CA LYS B 169 22.04 -8.76 8.93
C LYS B 169 22.73 -7.43 8.64
N ASP B 170 22.38 -6.73 7.56
CA ASP B 170 23.07 -5.48 7.24
C ASP B 170 22.14 -4.28 7.06
N SER B 171 20.84 -4.42 7.34
CA SER B 171 19.85 -3.34 7.27
C SER B 171 19.67 -2.76 5.86
N THR B 172 20.05 -3.48 4.80
CA THR B 172 19.91 -2.96 3.44
C THR B 172 18.67 -3.55 2.74
N TYR B 173 18.40 -2.98 1.57
CA TYR B 173 17.38 -3.45 0.63
C TYR B 173 18.05 -3.89 -0.65
N SER B 174 17.37 -4.75 -1.39
CA SER B 174 17.79 -5.08 -2.76
C SER B 174 16.57 -4.97 -3.66
N LEU B 175 16.82 -4.70 -4.94
CA LEU B 175 15.73 -4.42 -5.87
C LEU B 175 16.05 -5.06 -7.22
N SER B 176 15.04 -5.68 -7.82
CA SER B 176 15.15 -6.17 -9.19
C SER B 176 14.19 -5.41 -10.08
N SER B 177 14.64 -5.09 -11.29
CA SER B 177 13.78 -4.52 -12.29
C SER B 177 13.87 -5.40 -13.52
N THR B 178 12.73 -5.86 -14.02
CA THR B 178 12.72 -6.80 -15.14
C THR B 178 12.02 -6.15 -16.32
N LEU B 179 12.75 -6.02 -17.41
CA LEU B 179 12.23 -5.51 -18.67
C LEU B 179 11.82 -6.69 -19.52
N THR B 180 10.58 -6.69 -19.99
CA THR B 180 10.06 -7.82 -20.77
C THR B 180 9.70 -7.36 -22.17
N LEU B 181 10.27 -8.01 -23.17
CA LEU B 181 10.00 -7.74 -24.57
C LEU B 181 9.76 -9.05 -25.30
N SER B 182 9.05 -8.95 -26.42
CA SER B 182 9.04 -10.06 -27.36
C SER B 182 10.43 -10.23 -27.97
N LYS B 183 10.75 -11.46 -28.38
CA LYS B 183 12.02 -11.68 -29.07
C LYS B 183 12.14 -10.80 -30.30
N ALA B 184 11.05 -10.67 -31.06
CA ALA B 184 11.06 -9.82 -32.26
C ALA B 184 11.52 -8.40 -31.92
N ASP B 185 10.92 -7.81 -30.89
CA ASP B 185 11.30 -6.45 -30.49
C ASP B 185 12.73 -6.42 -29.95
N TYR B 186 13.11 -7.46 -29.19
CA TYR B 186 14.45 -7.50 -28.61
C TYR B 186 15.52 -7.48 -29.70
N GLU B 187 15.33 -8.24 -30.77
CA GLU B 187 16.34 -8.36 -31.83
C GLU B 187 16.36 -7.16 -32.76
N LYS B 188 15.41 -6.24 -32.62
CA LYS B 188 15.42 -5.02 -33.41
C LYS B 188 16.37 -3.97 -32.84
N HIS B 189 16.99 -4.22 -31.67
CA HIS B 189 17.79 -3.23 -30.98
C HIS B 189 19.10 -3.83 -30.51
N LYS B 190 20.06 -2.94 -30.23
CA LYS B 190 21.42 -3.33 -29.87
C LYS B 190 21.75 -3.05 -28.41
N VAL B 191 21.64 -1.80 -27.96
CA VAL B 191 22.14 -1.42 -26.64
C VAL B 191 21.01 -1.49 -25.62
N TYR B 192 21.18 -2.32 -24.59
CA TYR B 192 20.25 -2.46 -23.49
C TYR B 192 20.91 -1.92 -22.23
N ALA B 193 20.27 -0.93 -21.60
CA ALA B 193 20.91 -0.20 -20.53
C ALA B 193 19.96 0.00 -19.36
N CYS B 194 20.50 -0.18 -18.16
CA CYS B 194 19.82 0.07 -16.90
C CYS B 194 20.50 1.24 -16.22
N GLU B 195 19.76 2.32 -15.97
CA GLU B 195 20.33 3.52 -15.33
C GLU B 195 19.73 3.69 -13.94
N VAL B 196 20.60 3.85 -12.95
CA VAL B 196 20.21 3.80 -11.54
C VAL B 196 20.62 5.10 -10.86
N THR B 197 19.69 5.70 -10.12
CA THR B 197 20.01 6.82 -9.24
C THR B 197 19.60 6.47 -7.82
N HIS B 198 20.37 6.97 -6.87
CA HIS B 198 20.23 6.62 -5.47
C HIS B 198 20.97 7.66 -4.65
N GLN B 199 20.53 7.87 -3.41
CA GLN B 199 21.15 8.89 -2.57
CA GLN B 199 21.14 8.88 -2.55
C GLN B 199 22.65 8.68 -2.43
N GLY B 200 23.09 7.42 -2.40
CA GLY B 200 24.50 7.12 -2.25
C GLY B 200 25.33 7.17 -3.51
N LEU B 201 24.76 7.45 -4.66
CA LEU B 201 25.54 7.52 -5.90
C LEU B 201 25.74 8.98 -6.28
N SER B 202 27.00 9.37 -6.46
CA SER B 202 27.30 10.77 -6.76
C SER B 202 26.88 11.16 -8.18
N SER B 203 26.72 10.19 -9.06
CA SER B 203 26.11 10.41 -10.37
C SER B 203 25.44 9.11 -10.78
N PRO B 204 24.46 9.16 -11.68
CA PRO B 204 23.71 7.94 -12.00
C PRO B 204 24.63 6.88 -12.57
N VAL B 205 24.35 5.62 -12.24
CA VAL B 205 25.14 4.48 -12.67
C VAL B 205 24.41 3.79 -13.81
N THR B 206 25.11 3.56 -14.91
CA THR B 206 24.54 2.83 -16.04
C THR B 206 25.26 1.51 -16.24
N LYS B 207 24.49 0.44 -16.31
CA LYS B 207 25.00 -0.87 -16.67
C LYS B 207 24.32 -1.26 -17.98
N SER B 208 25.10 -1.72 -18.95
CA SER B 208 24.54 -2.01 -20.25
C SER B 208 25.25 -3.20 -20.87
N PHE B 209 24.62 -3.74 -21.91
CA PHE B 209 25.26 -4.71 -22.80
C PHE B 209 24.75 -4.47 -24.20
N ASN B 210 25.50 -4.95 -25.19
CA ASN B 210 25.07 -4.97 -26.58
C ASN B 210 24.55 -6.36 -26.90
N ARG B 211 23.33 -6.43 -27.43
CA ARG B 211 22.72 -7.71 -27.78
C ARG B 211 23.64 -8.49 -28.71
N GLY B 212 24.02 -9.69 -28.29
CA GLY B 212 24.91 -10.54 -29.05
C GLY B 212 26.37 -10.10 -29.04
N GLU B 213 27.02 -10.26 -27.88
CA GLU B 213 28.45 -10.00 -27.77
C GLU B 213 29.08 -10.83 -26.65
N GLU C 1 -4.60 38.94 -7.31
CA GLU C 1 -4.59 37.51 -6.99
C GLU C 1 -4.35 36.65 -8.24
N VAL C 2 -3.35 35.77 -8.16
CA VAL C 2 -3.03 34.87 -9.27
C VAL C 2 -4.02 33.71 -9.26
N LYS C 3 -4.59 33.41 -10.43
CA LYS C 3 -5.43 32.22 -10.57
C LYS C 3 -4.97 31.44 -11.81
N LEU C 4 -4.89 30.13 -11.67
CA LEU C 4 -4.66 29.22 -12.78
C LEU C 4 -5.80 28.20 -12.77
N GLU C 5 -6.46 28.00 -13.92
CA GLU C 5 -7.63 27.12 -13.98
C GLU C 5 -7.54 26.19 -15.17
N GLU C 6 -7.38 24.90 -14.89
CA GLU C 6 -7.26 23.85 -15.90
C GLU C 6 -8.62 23.32 -16.30
N SER C 7 -8.66 22.72 -17.49
CA SER C 7 -9.84 22.00 -17.95
C SER C 7 -9.40 21.01 -19.03
N GLY C 8 -10.30 20.09 -19.38
CA GLY C 8 -10.10 19.20 -20.50
C GLY C 8 -9.79 17.76 -20.14
N GLY C 9 -9.58 17.45 -18.85
CA GLY C 9 -9.28 16.08 -18.49
C GLY C 9 -10.48 15.17 -18.64
N GLY C 10 -10.22 13.88 -18.53
CA GLY C 10 -11.28 12.90 -18.69
C GLY C 10 -10.70 11.56 -19.07
N LEU C 11 -11.53 10.74 -19.72
CA LEU C 11 -11.17 9.40 -20.10
C LEU C 11 -10.75 9.37 -21.57
N VAL C 12 -9.66 8.65 -21.86
CA VAL C 12 -9.26 8.43 -23.23
C VAL C 12 -8.65 7.03 -23.31
N GLN C 13 -8.84 6.38 -24.45
CA GLN C 13 -8.35 5.03 -24.63
CA GLN C 13 -8.33 5.03 -24.64
C GLN C 13 -6.81 5.04 -24.83
N PRO C 14 -6.13 3.96 -24.42
CA PRO C 14 -4.69 3.89 -24.67
C PRO C 14 -4.41 4.04 -26.16
N GLY C 15 -3.40 4.85 -26.48
CA GLY C 15 -3.11 5.21 -27.86
C GLY C 15 -3.81 6.47 -28.34
N GLY C 16 -4.80 6.97 -27.59
CA GLY C 16 -5.59 8.11 -28.01
C GLY C 16 -4.93 9.45 -27.73
N SER C 17 -5.69 10.50 -28.00
CA SER C 17 -5.22 11.87 -27.87
C SER C 17 -6.19 12.66 -26.98
N MET C 18 -5.65 13.68 -26.33
CA MET C 18 -6.47 14.56 -25.52
C MET C 18 -5.72 15.86 -25.32
N LYS C 19 -6.44 16.98 -25.31
CA LYS C 19 -5.84 18.29 -25.12
C LYS C 19 -6.33 18.89 -23.80
N LEU C 20 -5.39 19.28 -22.95
CA LEU C 20 -5.67 20.01 -21.73
C LEU C 20 -5.45 21.50 -21.96
N SER C 21 -6.22 22.32 -21.26
CA SER C 21 -6.12 23.77 -21.34
C SER C 21 -5.99 24.35 -19.94
N CYS C 22 -5.36 25.51 -19.86
CA CYS C 22 -5.25 26.25 -18.61
C CYS C 22 -5.32 27.74 -18.92
N VAL C 23 -6.12 28.49 -18.16
CA VAL C 23 -6.26 29.94 -18.33
C VAL C 23 -5.71 30.59 -17.07
N ALA C 24 -4.87 31.61 -17.25
CA ALA C 24 -4.18 32.30 -16.18
C ALA C 24 -4.70 33.73 -16.04
N SER C 25 -4.67 34.23 -14.80
CA SER C 25 -4.94 35.64 -14.58
C SER C 25 -4.14 36.09 -13.38
N GLY C 26 -3.97 37.41 -13.26
CA GLY C 26 -3.32 37.99 -12.10
C GLY C 26 -1.84 38.23 -12.23
N PHE C 27 -1.24 37.92 -13.38
CA PHE C 27 0.14 38.29 -13.65
C PHE C 27 0.26 38.55 -15.16
N ILE C 28 1.40 39.14 -15.56
CA ILE C 28 1.61 39.45 -16.97
C ILE C 28 1.98 38.15 -17.66
N PHE C 29 0.97 37.52 -18.29
CA PHE C 29 1.12 36.15 -18.78
C PHE C 29 2.29 36.02 -19.76
N SER C 30 2.43 37.00 -20.66
CA SER C 30 3.38 36.87 -21.76
C SER C 30 4.82 36.90 -21.31
N ASN C 31 5.09 37.40 -20.10
CA ASN C 31 6.45 37.42 -19.58
C ASN C 31 6.87 36.10 -18.93
N HIS C 32 5.94 35.18 -18.69
CA HIS C 32 6.22 34.08 -17.77
C HIS C 32 6.15 32.72 -18.42
N TRP C 33 6.76 31.76 -17.73
CA TRP C 33 6.99 30.41 -18.24
C TRP C 33 5.93 29.49 -17.66
N MET C 34 5.13 28.87 -18.53
CA MET C 34 4.02 28.04 -18.09
C MET C 34 4.40 26.57 -18.20
N ASN C 35 3.96 25.79 -17.21
CA ASN C 35 4.37 24.40 -17.04
C ASN C 35 3.15 23.53 -16.77
N TRP C 36 3.29 22.25 -17.14
CA TRP C 36 2.39 21.20 -16.68
C TRP C 36 3.20 20.27 -15.77
N VAL C 37 2.65 19.97 -14.60
CA VAL C 37 3.23 19.04 -13.64
C VAL C 37 2.13 18.06 -13.28
N ARG C 38 2.42 16.76 -13.37
CA ARG C 38 1.40 15.77 -13.09
C ARG C 38 1.70 15.07 -11.76
N GLN C 39 0.66 14.46 -11.20
CA GLN C 39 0.81 13.72 -9.96
C GLN C 39 0.07 12.40 -10.08
N SER C 40 0.73 11.32 -9.68
CA SER C 40 0.14 9.99 -9.62
C SER C 40 0.59 9.32 -8.34
N PRO C 41 -0.18 8.34 -7.83
CA PRO C 41 0.29 7.58 -6.66
C PRO C 41 1.64 6.94 -6.88
N GLU C 42 1.89 6.43 -8.09
CA GLU C 42 3.11 5.66 -8.35
C GLU C 42 4.34 6.56 -8.43
N LYS C 43 4.24 7.66 -9.17
CA LYS C 43 5.41 8.49 -9.49
C LYS C 43 5.47 9.78 -8.69
N GLY C 44 4.44 10.09 -7.88
CA GLY C 44 4.46 11.37 -7.19
C GLY C 44 4.33 12.54 -8.15
N LEU C 45 4.90 13.67 -7.76
CA LEU C 45 4.89 14.86 -8.60
C LEU C 45 6.01 14.77 -9.63
N GLU C 46 5.66 15.07 -10.89
CA GLU C 46 6.52 14.89 -12.04
C GLU C 46 6.36 16.09 -12.95
N TRP C 47 7.43 16.82 -13.21
CA TRP C 47 7.36 17.86 -14.24
C TRP C 47 7.16 17.20 -15.61
N VAL C 48 6.28 17.79 -16.42
CA VAL C 48 5.89 17.24 -17.72
C VAL C 48 6.41 18.11 -18.89
N ALA C 49 6.10 19.40 -18.87
CA ALA C 49 6.46 20.25 -20.01
C ALA C 49 6.45 21.72 -19.60
N GLU C 50 7.23 22.53 -20.32
CA GLU C 50 7.31 23.96 -20.08
C GLU C 50 7.33 24.69 -21.42
N ILE C 51 6.67 25.84 -21.49
CA ILE C 51 6.83 26.75 -22.62
C ILE C 51 7.25 28.10 -22.06
N ARG C 52 8.33 28.64 -22.60
CA ARG C 52 8.87 29.90 -22.10
C ARG C 52 8.27 31.06 -22.88
N SER C 53 8.81 32.27 -22.69
CA SER C 53 8.16 33.47 -23.19
C SER C 53 8.38 33.62 -24.70
N LYS C 54 7.43 34.31 -25.34
CA LYS C 54 7.61 34.63 -26.75
C LYS C 54 8.91 35.38 -26.99
N SER C 55 9.37 36.17 -26.01
CA SER C 55 10.59 36.95 -26.22
C SER C 55 11.80 36.04 -26.47
N ILE C 56 11.77 34.81 -25.95
CA ILE C 56 12.85 33.87 -26.20
C ILE C 56 12.34 32.69 -27.02
N ASN C 57 11.58 32.99 -28.08
CA ASN C 57 11.14 32.04 -29.10
C ASN C 57 10.14 31.00 -28.57
N SER C 58 9.44 31.30 -27.49
CA SER C 58 8.41 30.41 -26.95
C SER C 58 8.96 28.99 -26.80
N ALA C 59 10.20 28.88 -26.33
CA ALA C 59 10.91 27.60 -26.36
C ALA C 59 10.18 26.58 -25.49
N THR C 60 10.06 25.36 -26.00
CA THR C 60 9.38 24.28 -25.29
C THR C 60 10.39 23.23 -24.82
N HIS C 61 10.10 22.63 -23.67
CA HIS C 61 10.92 21.58 -23.09
C HIS C 61 10.00 20.53 -22.53
N TYR C 62 10.41 19.26 -22.63
CA TYR C 62 9.56 18.15 -22.24
C TYR C 62 10.32 17.17 -21.36
N ALA C 63 9.60 16.52 -20.45
CA ALA C 63 10.15 15.37 -19.74
C ALA C 63 10.45 14.27 -20.73
N GLU C 64 11.52 13.52 -20.48
CA GLU C 64 11.90 12.49 -21.44
C GLU C 64 10.78 11.47 -21.63
N SER C 65 9.95 11.27 -20.61
CA SER C 65 8.90 10.26 -20.71
C SER C 65 7.77 10.67 -21.65
N VAL C 66 7.67 11.94 -22.04
CA VAL C 66 6.58 12.40 -22.90
C VAL C 66 7.07 13.01 -24.20
N LYS C 67 8.38 13.19 -24.37
CA LYS C 67 8.90 13.83 -25.57
C LYS C 67 8.45 13.06 -26.81
N GLY C 68 8.14 13.79 -27.88
CA GLY C 68 7.62 13.18 -29.09
C GLY C 68 6.15 12.84 -29.04
N ARG C 69 5.52 12.82 -27.87
CA ARG C 69 4.10 12.51 -27.75
C ARG C 69 3.25 13.70 -27.32
N PHE C 70 3.81 14.58 -26.49
CA PHE C 70 3.10 15.73 -25.94
C PHE C 70 3.62 16.99 -26.63
N THR C 71 2.73 17.95 -26.84
CA THR C 71 3.11 19.26 -27.37
C THR C 71 2.51 20.34 -26.47
N ILE C 72 3.36 21.20 -25.91
CA ILE C 72 2.86 22.31 -25.12
C ILE C 72 2.84 23.54 -26.02
N SER C 73 1.83 24.38 -25.85
CA SER C 73 1.70 25.60 -26.62
C SER C 73 1.04 26.66 -25.75
N ARG C 74 1.00 27.89 -26.26
CA ARG C 74 0.40 28.97 -25.50
C ARG C 74 -0.25 29.97 -26.45
N ASP C 75 -1.24 30.67 -25.95
CA ASP C 75 -1.93 31.74 -26.68
C ASP C 75 -1.97 32.93 -25.74
N ASP C 76 -1.03 33.86 -25.91
CA ASP C 76 -0.91 34.97 -24.97
C ASP C 76 -2.15 35.87 -25.02
N SER C 77 -2.83 35.95 -26.17
CA SER C 77 -4.03 36.78 -26.23
C SER C 77 -5.16 36.22 -25.38
N LYS C 78 -5.12 34.93 -25.07
CA LYS C 78 -6.13 34.31 -24.21
C LYS C 78 -5.59 33.97 -22.82
N SER C 79 -4.34 34.35 -22.51
CA SER C 79 -3.70 33.95 -21.25
C SER C 79 -3.86 32.45 -21.01
N ALA C 80 -3.68 31.67 -22.08
CA ALA C 80 -3.94 30.23 -22.05
C ALA C 80 -2.68 29.45 -22.41
N VAL C 81 -2.49 28.32 -21.74
CA VAL C 81 -1.46 27.35 -22.05
C VAL C 81 -2.14 26.01 -22.28
N TYR C 82 -1.62 25.22 -23.22
CA TYR C 82 -2.29 23.99 -23.62
C TYR C 82 -1.30 22.83 -23.62
N LEU C 83 -1.81 21.62 -23.36
CA LEU C 83 -1.00 20.41 -23.46
C LEU C 83 -1.74 19.44 -24.37
N GLN C 84 -1.23 19.27 -25.59
CA GLN C 84 -1.80 18.32 -26.54
C GLN C 84 -1.07 16.99 -26.36
N MET C 85 -1.80 15.98 -25.90
CA MET C 85 -1.24 14.66 -25.66
C MET C 85 -1.70 13.71 -26.75
N THR C 86 -0.79 12.86 -27.22
CA THR C 86 -1.09 11.85 -28.22
C THR C 86 -0.42 10.56 -27.78
N ASP C 87 -0.79 9.45 -28.43
CA ASP C 87 -0.22 8.14 -28.11
CA ASP C 87 -0.27 8.13 -28.11
C ASP C 87 -0.23 7.90 -26.60
N LEU C 88 -1.35 8.22 -25.96
CA LEU C 88 -1.41 8.18 -24.51
C LEU C 88 -1.21 6.77 -23.98
N ARG C 89 -0.59 6.67 -22.81
CA ARG C 89 -0.28 5.39 -22.19
C ARG C 89 -1.00 5.28 -20.85
N THR C 90 -1.22 4.04 -20.42
CA THR C 90 -1.81 3.81 -19.10
C THR C 90 -1.08 4.60 -18.02
N GLU C 91 0.26 4.59 -18.07
CA GLU C 91 1.05 5.30 -17.07
C GLU C 91 1.03 6.81 -17.23
N ASP C 92 0.38 7.36 -18.26
CA ASP C 92 0.13 8.80 -18.28
C ASP C 92 -1.05 9.21 -17.40
N THR C 93 -1.77 8.24 -16.85
CA THR C 93 -2.89 8.56 -15.97
C THR C 93 -2.41 9.38 -14.78
N GLY C 94 -3.15 10.41 -14.42
CA GLY C 94 -2.86 11.17 -13.23
C GLY C 94 -3.57 12.51 -13.24
N VAL C 95 -3.23 13.32 -12.23
CA VAL C 95 -3.77 14.68 -12.10
C VAL C 95 -2.75 15.64 -12.70
N TYR C 96 -3.20 16.47 -13.64
CA TYR C 96 -2.32 17.38 -14.38
C TYR C 96 -2.54 18.80 -13.88
N TYR C 97 -1.50 19.41 -13.34
CA TYR C 97 -1.54 20.76 -12.80
C TYR C 97 -0.93 21.74 -13.79
N CYS C 98 -1.62 22.85 -14.01
CA CYS C 98 -1.03 24.03 -14.61
C CYS C 98 -0.20 24.76 -13.56
N SER C 99 1.02 25.19 -13.93
CA SER C 99 1.87 25.81 -12.93
C SER C 99 2.80 26.83 -13.62
N ARG C 100 3.08 27.91 -12.90
CA ARG C 100 4.11 28.87 -13.34
C ARG C 100 5.43 28.52 -12.67
N ASN C 101 6.50 28.48 -13.45
CA ASN C 101 7.85 28.40 -12.88
C ASN C 101 8.52 29.75 -13.03
N TYR C 102 9.20 30.19 -11.96
CA TYR C 102 9.78 31.53 -11.94
C TYR C 102 11.18 31.50 -12.55
N TYR C 103 11.22 31.54 -13.89
CA TYR C 103 12.46 31.62 -14.67
C TYR C 103 13.49 30.57 -14.25
N GLY C 104 13.02 29.36 -14.00
CA GLY C 104 13.94 28.27 -13.70
C GLY C 104 14.30 28.21 -12.24
N SER C 105 13.29 28.26 -11.39
CA SER C 105 13.49 28.04 -9.96
C SER C 105 12.27 27.33 -9.37
N THR C 106 11.42 28.06 -8.68
CA THR C 106 10.26 27.51 -7.99
C THR C 106 9.06 27.43 -8.92
N TYR C 107 8.16 26.50 -8.60
CA TYR C 107 6.80 26.48 -9.18
C TYR C 107 5.95 27.31 -8.24
N ASP C 108 5.86 28.62 -8.50
CA ASP C 108 5.35 29.51 -7.46
C ASP C 108 3.83 29.65 -7.48
N TYR C 109 3.15 29.21 -8.53
CA TYR C 109 1.69 29.18 -8.57
C TYR C 109 1.22 27.91 -9.25
N TRP C 110 0.11 27.34 -8.76
CA TRP C 110 -0.42 26.08 -9.24
C TRP C 110 -1.92 26.23 -9.43
N GLY C 111 -2.46 25.57 -10.46
CA GLY C 111 -3.91 25.45 -10.58
C GLY C 111 -4.44 24.39 -9.63
N GLN C 112 -5.65 23.94 -9.92
CA GLN C 112 -6.34 22.95 -9.09
C GLN C 112 -6.24 21.55 -9.66
N GLY C 113 -5.67 21.40 -10.85
CA GLY C 113 -5.51 20.08 -11.45
C GLY C 113 -6.72 19.64 -12.23
N THR C 114 -6.46 18.85 -13.28
CA THR C 114 -7.50 18.19 -14.05
C THR C 114 -7.07 16.75 -14.25
N THR C 115 -8.01 15.82 -14.09
CA THR C 115 -7.67 14.41 -13.99
C THR C 115 -7.73 13.74 -15.36
N LEU C 116 -6.65 13.07 -15.71
CA LEU C 116 -6.59 12.28 -16.93
C LEU C 116 -6.61 10.79 -16.56
N THR C 117 -7.52 10.03 -17.17
CA THR C 117 -7.57 8.59 -17.01
C THR C 117 -7.39 7.96 -18.37
N VAL C 118 -6.30 7.22 -18.55
CA VAL C 118 -6.04 6.47 -19.77
C VAL C 118 -6.43 5.03 -19.50
N SER C 119 -7.54 4.59 -20.08
CA SER C 119 -8.11 3.29 -19.78
C SER C 119 -8.95 2.83 -20.96
N SER C 120 -9.02 1.51 -21.15
CA SER C 120 -9.89 0.96 -22.18
C SER C 120 -11.35 0.87 -21.76
N ALA C 121 -11.69 1.24 -20.53
CA ALA C 121 -13.06 1.13 -20.07
C ALA C 121 -13.92 2.26 -20.66
N SER C 122 -15.21 2.22 -20.35
CA SER C 122 -16.18 3.16 -20.89
C SER C 122 -16.61 4.18 -19.84
N THR C 123 -16.88 5.39 -20.31
CA THR C 123 -17.45 6.43 -19.45
C THR C 123 -18.81 5.99 -18.94
N LYS C 124 -19.05 6.16 -17.64
CA LYS C 124 -20.37 5.85 -17.09
C LYS C 124 -20.71 6.86 -16.00
N GLY C 125 -21.88 7.48 -16.12
CA GLY C 125 -22.34 8.43 -15.15
C GLY C 125 -22.86 7.73 -13.92
N PRO C 126 -22.80 8.41 -12.76
CA PRO C 126 -23.19 7.74 -11.51
C PRO C 126 -24.70 7.74 -11.27
N SER C 127 -25.14 6.77 -10.49
CA SER C 127 -26.44 6.83 -9.84
C SER C 127 -26.25 7.47 -8.47
N VAL C 128 -27.21 8.30 -8.07
CA VAL C 128 -27.14 9.03 -6.80
C VAL C 128 -28.32 8.60 -5.95
N PHE C 129 -28.03 7.99 -4.81
CA PHE C 129 -29.10 7.53 -3.95
C PHE C 129 -29.01 8.24 -2.61
N PRO C 130 -30.14 8.51 -1.96
CA PRO C 130 -30.07 9.15 -0.65
C PRO C 130 -29.66 8.16 0.43
N LEU C 131 -28.94 8.68 1.40
CA LEU C 131 -28.65 7.99 2.66
C LEU C 131 -29.51 8.73 3.67
N ALA C 132 -30.70 8.20 3.90
CA ALA C 132 -31.72 8.93 4.62
C ALA C 132 -31.51 8.80 6.12
N PRO C 133 -31.58 9.90 6.87
CA PRO C 133 -31.48 9.81 8.33
C PRO C 133 -32.75 9.22 8.91
N SER C 134 -32.59 8.48 9.99
CA SER C 134 -33.75 8.05 10.76
C SER C 134 -33.44 8.18 12.24
N SER C 135 -33.85 7.18 13.02
CA SER C 135 -33.42 7.06 14.41
C SER C 135 -32.20 6.14 14.56
N LYS C 136 -31.90 5.32 13.55
CA LYS C 136 -30.68 4.52 13.49
C LYS C 136 -29.51 5.29 12.88
N SER C 137 -29.75 6.55 12.50
CA SER C 137 -28.72 7.52 12.13
C SER C 137 -28.88 8.80 12.95
N THR C 138 -29.14 8.66 14.26
CA THR C 138 -29.22 9.77 15.19
C THR C 138 -28.42 9.43 16.44
N SER C 139 -27.37 10.20 16.71
CA SER C 139 -26.52 10.03 17.87
C SER C 139 -26.77 11.20 18.82
N GLY C 140 -27.82 11.09 19.62
CA GLY C 140 -28.22 12.14 20.55
C GLY C 140 -28.91 13.31 19.86
N GLY C 141 -28.26 14.47 19.89
CA GLY C 141 -28.76 15.63 19.18
C GLY C 141 -28.24 15.78 17.77
N THR C 142 -27.44 14.81 17.29
CA THR C 142 -26.80 14.86 15.98
C THR C 142 -27.32 13.74 15.10
N ALA C 143 -27.66 14.07 13.86
CA ALA C 143 -28.06 13.08 12.88
C ALA C 143 -27.07 13.09 11.71
N ALA C 144 -26.99 11.97 11.00
CA ALA C 144 -26.20 11.90 9.79
C ALA C 144 -27.12 11.61 8.60
N LEU C 145 -26.76 12.19 7.47
CA LEU C 145 -27.44 11.89 6.21
C LEU C 145 -26.40 11.97 5.11
N GLY C 146 -26.76 11.59 3.90
CA GLY C 146 -25.76 11.59 2.86
C GLY C 146 -26.32 11.18 1.51
N CYS C 147 -25.38 10.97 0.58
CA CYS C 147 -25.66 10.53 -0.78
C CYS C 147 -24.68 9.44 -1.16
N LEU C 148 -25.21 8.34 -1.68
CA LEU C 148 -24.39 7.25 -2.24
C LEU C 148 -24.26 7.49 -3.74
N VAL C 149 -23.02 7.66 -4.20
CA VAL C 149 -22.71 7.97 -5.59
C VAL C 149 -22.11 6.71 -6.19
N LYS C 150 -22.95 5.91 -6.86
CA LYS C 150 -22.61 4.53 -7.19
C LYS C 150 -22.45 4.35 -8.70
N ASP C 151 -21.48 3.52 -9.08
CA ASP C 151 -21.32 2.97 -10.42
C ASP C 151 -21.00 4.02 -11.48
N TYR C 152 -19.87 4.71 -11.33
CA TYR C 152 -19.42 5.66 -12.34
C TYR C 152 -18.00 5.32 -12.76
N PHE C 153 -17.58 5.95 -13.86
CA PHE C 153 -16.23 5.82 -14.38
C PHE C 153 -16.03 6.88 -15.46
N PRO C 154 -14.84 7.51 -15.50
CA PRO C 154 -13.74 7.35 -14.55
C PRO C 154 -13.90 8.31 -13.39
N GLU C 155 -12.91 8.35 -12.50
CA GLU C 155 -12.75 9.44 -11.55
C GLU C 155 -12.54 10.75 -12.31
N PRO C 156 -12.88 11.89 -11.71
CA PRO C 156 -13.49 12.06 -10.38
C PRO C 156 -14.95 12.49 -10.45
N VAL C 157 -15.64 12.41 -9.32
CA VAL C 157 -16.89 13.14 -9.14
C VAL C 157 -16.62 14.21 -8.09
N THR C 158 -17.38 15.30 -8.18
CA THR C 158 -17.40 16.29 -7.12
C THR C 158 -18.77 16.26 -6.45
N VAL C 159 -18.79 16.45 -5.14
CA VAL C 159 -20.03 16.46 -4.37
C VAL C 159 -20.02 17.71 -3.51
N SER C 160 -21.04 18.54 -3.66
CA SER C 160 -21.29 19.65 -2.75
C SER C 160 -22.65 19.45 -2.10
N TRP C 161 -22.90 20.25 -1.06
CA TRP C 161 -24.15 20.17 -0.33
C TRP C 161 -24.80 21.54 -0.31
N ASN C 162 -26.09 21.59 -0.67
CA ASN C 162 -26.84 22.83 -0.70
C ASN C 162 -26.10 23.89 -1.53
N SER C 163 -25.59 23.46 -2.68
CA SER C 163 -24.87 24.31 -3.62
C SER C 163 -23.68 25.01 -2.98
N GLY C 164 -23.02 24.34 -2.04
CA GLY C 164 -21.85 24.87 -1.40
C GLY C 164 -22.11 25.64 -0.13
N ALA C 165 -23.38 25.90 0.20
CA ALA C 165 -23.69 26.57 1.45
C ALA C 165 -23.40 25.69 2.67
N LEU C 166 -23.34 24.36 2.49
CA LEU C 166 -23.15 23.44 3.61
C LEU C 166 -21.80 22.74 3.45
N THR C 167 -20.87 23.03 4.35
CA THR C 167 -19.52 22.46 4.27
C THR C 167 -19.06 21.87 5.59
N SER C 168 -19.52 22.43 6.71
CA SER C 168 -19.09 21.91 8.00
C SER C 168 -19.71 20.54 8.25
N GLY C 169 -18.90 19.63 8.78
CA GLY C 169 -19.37 18.28 9.08
C GLY C 169 -19.49 17.38 7.88
N VAL C 170 -19.10 17.85 6.69
CA VAL C 170 -19.20 17.06 5.47
C VAL C 170 -17.98 16.16 5.37
N HIS C 171 -18.19 14.88 5.05
CA HIS C 171 -17.11 13.96 4.70
C HIS C 171 -17.48 13.32 3.38
N THR C 172 -16.70 13.60 2.34
CA THR C 172 -16.84 12.91 1.07
C THR C 172 -15.71 11.90 0.98
N PHE C 173 -16.06 10.61 0.99
CA PHE C 173 -15.07 9.58 1.13
C PHE C 173 -14.31 9.39 -0.19
N PRO C 174 -13.05 8.96 -0.11
CA PRO C 174 -12.33 8.56 -1.33
C PRO C 174 -13.12 7.48 -2.04
N ALA C 175 -13.10 7.53 -3.36
CA ALA C 175 -13.81 6.54 -4.14
C ALA C 175 -13.12 5.19 -4.01
N VAL C 176 -13.93 4.14 -4.05
CA VAL C 176 -13.47 2.77 -4.04
C VAL C 176 -13.85 2.14 -5.37
N LEU C 177 -12.89 1.45 -5.99
CA LEU C 177 -13.17 0.71 -7.21
C LEU C 177 -13.90 -0.58 -6.86
N GLN C 178 -15.11 -0.74 -7.37
CA GLN C 178 -15.87 -1.96 -7.10
C GLN C 178 -15.34 -3.10 -7.95
N SER C 179 -15.75 -4.32 -7.60
CA SER C 179 -15.34 -5.48 -8.37
C SER C 179 -15.84 -5.41 -9.82
N SER C 180 -16.88 -4.62 -10.07
CA SER C 180 -17.38 -4.43 -11.43
C SER C 180 -16.47 -3.55 -12.29
N GLY C 181 -15.45 -2.93 -11.70
CA GLY C 181 -14.64 -1.97 -12.41
C GLY C 181 -15.18 -0.56 -12.41
N LEU C 182 -16.30 -0.32 -11.72
CA LEU C 182 -16.86 1.01 -11.55
C LEU C 182 -16.56 1.53 -10.16
N TYR C 183 -16.46 2.86 -10.05
CA TYR C 183 -16.24 3.48 -8.75
C TYR C 183 -17.54 3.68 -7.99
N SER C 184 -17.41 3.78 -6.67
CA SER C 184 -18.52 4.18 -5.81
C SER C 184 -17.94 5.00 -4.67
N LEU C 185 -18.71 5.97 -4.20
CA LEU C 185 -18.37 6.69 -2.98
C LEU C 185 -19.65 7.19 -2.33
N SER C 186 -19.51 7.56 -1.07
CA SER C 186 -20.57 8.23 -0.33
C SER C 186 -20.05 9.59 0.14
N SER C 187 -20.97 10.52 0.24
CA SER C 187 -20.75 11.81 0.87
C SER C 187 -21.76 11.92 2.00
N VAL C 188 -21.28 12.20 3.22
CA VAL C 188 -22.17 12.27 4.37
C VAL C 188 -21.99 13.63 5.03
N VAL C 189 -22.96 13.98 5.87
CA VAL C 189 -22.85 15.19 6.69
C VAL C 189 -23.62 14.96 7.98
N THR C 190 -23.07 15.45 9.08
CA THR C 190 -23.75 15.39 10.36
C THR C 190 -24.40 16.74 10.62
N VAL C 191 -25.66 16.69 11.05
CA VAL C 191 -26.49 17.89 11.21
C VAL C 191 -27.23 17.78 12.52
N PRO C 192 -27.73 18.89 13.05
CA PRO C 192 -28.60 18.80 14.24
C PRO C 192 -29.81 17.96 13.89
N SER C 193 -30.18 17.05 14.80
CA SER C 193 -31.35 16.21 14.51
C SER C 193 -32.62 17.06 14.44
N SER C 194 -32.65 18.20 15.13
CA SER C 194 -33.79 19.11 15.06
C SER C 194 -33.95 19.77 13.68
N SER C 195 -32.92 19.72 12.85
CA SER C 195 -33.04 20.28 11.50
C SER C 195 -33.64 19.29 10.51
N LEU C 196 -33.78 18.01 10.88
CA LEU C 196 -34.42 17.03 10.00
C LEU C 196 -35.88 17.41 9.78
N GLY C 197 -36.26 17.54 8.51
CA GLY C 197 -37.62 17.91 8.18
C GLY C 197 -37.94 19.37 8.28
N THR C 198 -36.99 20.21 8.70
CA THR C 198 -37.19 21.65 8.74
C THR C 198 -36.17 22.40 7.90
N GLN C 199 -35.05 21.77 7.56
CA GLN C 199 -34.04 22.33 6.67
CA GLN C 199 -34.05 22.34 6.67
C GLN C 199 -33.82 21.37 5.51
N THR C 200 -33.71 21.92 4.31
CA THR C 200 -33.56 21.10 3.12
C THR C 200 -32.09 20.73 2.92
N TYR C 201 -31.84 19.45 2.66
CA TYR C 201 -30.49 18.96 2.38
C TYR C 201 -30.47 18.36 0.99
N ILE C 202 -29.63 18.92 0.11
CA ILE C 202 -29.51 18.51 -1.28
C ILE C 202 -28.04 18.29 -1.56
N CYS C 203 -27.69 17.12 -2.12
CA CYS C 203 -26.32 16.89 -2.55
C CYS C 203 -26.23 17.12 -4.05
N ASN C 204 -25.26 17.90 -4.46
CA ASN C 204 -25.05 18.24 -5.87
C ASN C 204 -23.86 17.43 -6.36
N VAL C 205 -24.13 16.48 -7.26
CA VAL C 205 -23.12 15.56 -7.76
C VAL C 205 -22.79 15.96 -9.18
N ASN C 206 -21.51 16.13 -9.47
CA ASN C 206 -21.08 16.50 -10.81
C ASN C 206 -20.04 15.49 -11.28
N HIS C 207 -20.33 14.81 -12.39
CA HIS C 207 -19.40 13.91 -13.05
C HIS C 207 -19.08 14.52 -14.42
N LYS C 208 -18.00 15.30 -14.47
CA LYS C 208 -17.62 15.95 -15.73
C LYS C 208 -17.40 14.96 -16.87
N PRO C 209 -16.67 13.85 -16.70
CA PRO C 209 -16.39 12.98 -17.86
C PRO C 209 -17.64 12.47 -18.55
N SER C 210 -18.78 12.43 -17.88
CA SER C 210 -20.02 11.97 -18.49
C SER C 210 -21.05 13.08 -18.64
N ASN C 211 -20.69 14.32 -18.33
CA ASN C 211 -21.62 15.45 -18.32
C ASN C 211 -22.89 15.08 -17.56
N THR C 212 -22.71 14.49 -16.38
CA THR C 212 -23.80 14.16 -15.47
C THR C 212 -23.72 15.11 -14.28
N LYS C 213 -24.76 15.92 -14.11
CA LYS C 213 -24.94 16.74 -12.92
C LYS C 213 -26.28 16.35 -12.31
N VAL C 214 -26.25 15.95 -11.03
CA VAL C 214 -27.43 15.41 -10.35
C VAL C 214 -27.57 16.10 -9.00
N ASP C 215 -28.77 16.60 -8.71
CA ASP C 215 -29.10 17.13 -7.39
C ASP C 215 -30.07 16.16 -6.72
N LYS C 216 -29.70 15.69 -5.54
CA LYS C 216 -30.51 14.70 -4.82
C LYS C 216 -30.91 15.29 -3.47
N LYS C 217 -32.21 15.54 -3.31
CA LYS C 217 -32.77 15.94 -2.04
C LYS C 217 -32.84 14.74 -1.11
N VAL C 218 -32.32 14.90 0.10
CA VAL C 218 -32.21 13.82 1.08
C VAL C 218 -33.13 14.15 2.25
N GLU C 219 -34.20 13.39 2.40
CA GLU C 219 -35.14 13.63 3.48
C GLU C 219 -35.33 12.37 4.32
N PRO C 220 -35.77 12.52 5.59
CA PRO C 220 -36.04 11.38 6.48
C PRO C 220 -36.90 10.28 5.86
N ASP D 1 19.84 12.46 -13.77
CA ASP D 1 18.98 13.39 -13.07
C ASP D 1 19.20 13.29 -11.57
N ILE D 2 18.80 14.33 -10.84
CA ILE D 2 19.00 14.38 -9.41
C ILE D 2 17.81 13.74 -8.71
N LEU D 3 18.08 12.80 -7.83
CA LEU D 3 17.05 12.14 -7.04
C LEU D 3 16.99 12.81 -5.67
N LEU D 4 15.78 13.15 -5.22
CA LEU D 4 15.56 13.70 -3.90
C LEU D 4 14.88 12.63 -3.05
N THR D 5 15.55 12.23 -1.97
CA THR D 5 15.04 11.20 -1.08
C THR D 5 14.45 11.86 0.17
N GLN D 6 13.17 11.66 0.40
CA GLN D 6 12.48 12.11 1.60
C GLN D 6 12.21 10.89 2.46
N SER D 7 12.96 10.76 3.53
CA SER D 7 12.83 9.61 4.41
C SER D 7 13.04 10.11 5.83
N PRO D 8 12.12 9.75 6.76
CA PRO D 8 10.94 8.89 6.57
C PRO D 8 9.85 9.52 5.70
N ALA D 9 8.99 8.66 5.18
CA ALA D 9 7.86 9.08 4.37
C ALA D 9 6.62 9.36 5.22
N ILE D 10 6.66 9.03 6.50
CA ILE D 10 5.51 9.20 7.38
C ILE D 10 6.01 9.70 8.72
N LEU D 11 5.40 10.77 9.22
CA LEU D 11 5.75 11.34 10.51
C LEU D 11 4.48 11.56 11.29
N SER D 12 4.57 11.39 12.60
CA SER D 12 3.45 11.53 13.51
C SER D 12 3.95 12.21 14.78
N VAL D 13 3.41 13.38 15.12
CA VAL D 13 3.85 14.15 16.27
C VAL D 13 2.63 14.62 17.04
N SER D 14 2.83 14.87 18.33
CA SER D 14 1.78 15.49 19.14
C SER D 14 1.75 16.99 18.89
N PRO D 15 0.60 17.62 19.07
CA PRO D 15 0.50 19.07 18.79
C PRO D 15 1.38 19.87 19.74
N GLY D 16 1.90 20.98 19.23
CA GLY D 16 2.80 21.81 20.00
C GLY D 16 4.24 21.36 20.00
N GLU D 17 4.54 20.17 19.51
CA GLU D 17 5.90 19.72 19.35
C GLU D 17 6.49 20.23 18.04
N ARG D 18 7.81 20.15 17.93
CA ARG D 18 8.53 20.48 16.71
C ARG D 18 8.68 19.24 15.84
N VAL D 19 8.57 19.42 14.53
CA VAL D 19 8.82 18.33 13.59
C VAL D 19 9.80 18.80 12.54
N SER D 20 10.64 17.89 12.07
CA SER D 20 11.60 18.16 11.01
C SER D 20 11.44 17.15 9.89
N PHE D 21 11.36 17.66 8.65
CA PHE D 21 11.27 16.86 7.43
C PHE D 21 12.63 16.83 6.75
N SER D 22 13.05 15.64 6.30
CA SER D 22 14.35 15.47 5.68
C SER D 22 14.24 15.37 4.15
N CYS D 23 15.15 16.06 3.45
CA CYS D 23 15.30 15.94 2.01
C CYS D 23 16.79 15.83 1.70
N ARG D 24 17.18 14.73 1.06
CA ARG D 24 18.58 14.51 0.71
C ARG D 24 18.71 14.33 -0.78
N ALA D 25 19.64 15.07 -1.39
CA ALA D 25 19.83 15.07 -2.83
C ALA D 25 20.97 14.13 -3.19
N SER D 26 20.79 13.41 -4.31
CA SER D 26 21.83 12.47 -4.74
C SER D 26 23.07 13.17 -5.28
N GLN D 27 22.96 14.45 -5.62
CA GLN D 27 24.10 15.26 -6.04
C GLN D 27 23.97 16.63 -5.40
N PHE D 28 25.09 17.36 -5.41
CA PHE D 28 25.11 18.75 -4.96
C PHE D 28 24.01 19.55 -5.63
N VAL D 29 23.26 20.32 -4.83
CA VAL D 29 22.24 21.23 -5.35
C VAL D 29 22.40 22.62 -4.74
N GLY D 30 23.49 22.84 -3.99
CA GLY D 30 23.73 24.14 -3.40
C GLY D 30 22.67 24.51 -2.37
N SER D 31 21.95 25.61 -2.61
CA SER D 31 20.81 25.97 -1.78
C SER D 31 19.49 25.87 -2.54
N SER D 32 19.51 25.30 -3.75
CA SER D 32 18.35 25.38 -4.64
C SER D 32 17.34 24.26 -4.34
N ILE D 33 16.88 24.22 -3.08
CA ILE D 33 15.85 23.30 -2.63
C ILE D 33 14.65 24.11 -2.16
N HIS D 34 13.47 23.79 -2.67
CA HIS D 34 12.24 24.49 -2.35
C HIS D 34 11.24 23.49 -1.78
N TRP D 35 10.42 23.93 -0.82
CA TRP D 35 9.49 23.06 -0.13
C TRP D 35 8.04 23.47 -0.38
N TYR D 36 7.19 22.47 -0.55
CA TYR D 36 5.77 22.65 -0.83
C TYR D 36 4.93 21.88 0.17
N GLN D 37 3.78 22.44 0.51
CA GLN D 37 2.76 21.78 1.32
C GLN D 37 1.59 21.42 0.43
N GLN D 38 1.07 20.20 0.55
CA GLN D 38 -0.11 19.83 -0.21
C GLN D 38 -1.11 19.20 0.73
N ARG D 39 -2.16 19.95 1.02
CA ARG D 39 -3.25 19.47 1.84
C ARG D 39 -4.11 18.51 1.04
N THR D 40 -4.88 17.70 1.77
CA THR D 40 -5.78 16.74 1.16
C THR D 40 -6.67 17.41 0.11
N ASN D 41 -6.71 16.81 -1.08
CA ASN D 41 -7.49 17.31 -2.21
C ASN D 41 -7.12 18.74 -2.61
N GLY D 42 -5.95 19.23 -2.20
CA GLY D 42 -5.49 20.56 -2.58
C GLY D 42 -4.30 20.50 -3.52
N SER D 43 -3.82 21.69 -3.92
CA SER D 43 -2.68 21.82 -4.81
CA SER D 43 -2.68 21.77 -4.79
C SER D 43 -1.43 22.12 -4.01
N PRO D 44 -0.25 21.79 -4.53
CA PRO D 44 0.98 22.14 -3.82
C PRO D 44 1.07 23.64 -3.60
N ARG D 45 1.57 24.03 -2.44
CA ARG D 45 1.71 25.43 -2.07
C ARG D 45 3.15 25.67 -1.68
N LEU D 46 3.82 26.61 -2.35
CA LEU D 46 5.22 26.94 -2.07
C LEU D 46 5.37 27.55 -0.68
N LEU D 47 6.20 26.93 0.17
CA LEU D 47 6.43 27.40 1.53
C LEU D 47 7.76 28.12 1.69
N ILE D 48 8.83 27.50 1.23
CA ILE D 48 10.20 27.93 1.44
C ILE D 48 10.88 27.87 0.08
N LYS D 49 11.60 28.92 -0.30
CA LYS D 49 12.44 28.84 -1.48
C LYS D 49 13.92 28.94 -1.10
N TYR D 50 14.77 28.32 -1.91
CA TYR D 50 16.22 28.33 -1.72
C TYR D 50 16.59 28.00 -0.28
N ALA D 51 16.10 26.83 0.16
CA ALA D 51 16.47 26.16 1.41
C ALA D 51 15.91 26.83 2.65
N SER D 52 15.90 28.17 2.70
CA SER D 52 15.66 28.84 3.96
C SER D 52 14.80 30.11 3.86
N GLU D 53 14.39 30.53 2.68
CA GLU D 53 13.65 31.79 2.54
C GLU D 53 12.16 31.48 2.50
N SER D 54 11.46 31.85 3.57
CA SER D 54 10.03 31.58 3.64
C SER D 54 9.28 32.60 2.78
N MET D 55 8.20 32.15 2.14
CA MET D 55 7.43 33.01 1.28
C MET D 55 6.51 33.91 2.12
N SER D 56 6.12 35.04 1.56
CA SER D 56 5.24 35.94 2.30
C SER D 56 3.91 35.24 2.61
N GLY D 57 3.36 35.56 3.79
CA GLY D 57 2.12 34.95 4.23
C GLY D 57 2.26 33.59 4.89
N ILE D 58 3.41 32.94 4.77
CA ILE D 58 3.61 31.62 5.38
C ILE D 58 3.81 31.80 6.89
N PRO D 59 3.16 31.01 7.74
CA PRO D 59 3.34 31.18 9.19
C PRO D 59 4.78 31.05 9.62
N SER D 60 5.13 31.84 10.64
CA SER D 60 6.51 31.92 11.12
C SER D 60 7.02 30.61 11.72
N ARG D 61 6.13 29.70 12.10
CA ARG D 61 6.59 28.43 12.65
C ARG D 61 7.29 27.57 11.61
N PHE D 62 7.12 27.87 10.31
CA PHE D 62 7.82 27.15 9.25
C PHE D 62 9.20 27.76 9.03
N SER D 63 10.22 26.92 9.03
CA SER D 63 11.53 27.38 8.65
C SER D 63 12.24 26.25 7.91
N GLY D 64 13.30 26.59 7.20
CA GLY D 64 14.07 25.61 6.48
C GLY D 64 15.56 25.90 6.65
N SER D 65 16.35 24.86 6.46
CA SER D 65 17.80 25.02 6.54
C SER D 65 18.44 23.93 5.71
N GLY D 66 19.74 24.07 5.50
CA GLY D 66 20.50 23.07 4.79
C GLY D 66 21.21 23.64 3.59
N SER D 67 22.21 22.93 3.11
CA SER D 67 22.92 23.29 1.90
C SER D 67 23.69 22.06 1.44
N GLY D 68 24.04 22.06 0.16
CA GLY D 68 24.79 20.95 -0.39
C GLY D 68 23.92 19.80 -0.83
N THR D 69 23.78 18.78 0.02
CA THR D 69 22.90 17.67 -0.28
C THR D 69 21.89 17.36 0.82
N ASP D 70 21.92 18.08 1.95
CA ASP D 70 21.15 17.70 3.14
C ASP D 70 20.30 18.88 3.57
N PHE D 71 18.98 18.69 3.59
CA PHE D 71 18.03 19.78 3.79
C PHE D 71 16.95 19.38 4.79
N THR D 72 16.44 20.37 5.51
CA THR D 72 15.44 20.15 6.55
C THR D 72 14.38 21.23 6.46
N LEU D 73 13.11 20.82 6.49
CA LEU D 73 11.99 21.71 6.76
C LEU D 73 11.51 21.46 8.18
N SER D 74 11.36 22.52 8.96
CA SER D 74 10.96 22.38 10.36
C SER D 74 9.68 23.15 10.62
N ILE D 75 8.83 22.59 11.48
CA ILE D 75 7.64 23.27 11.97
C ILE D 75 7.80 23.39 13.47
N ASN D 76 7.98 24.62 13.96
CA ASN D 76 8.46 24.83 15.32
C ASN D 76 7.46 24.35 16.36
N THR D 77 6.18 24.64 16.14
CA THR D 77 5.13 24.10 17.01
C THR D 77 4.01 23.66 16.09
N VAL D 78 3.77 22.36 16.03
CA VAL D 78 2.87 21.79 15.04
C VAL D 78 1.43 22.05 15.44
N GLU D 79 0.61 22.40 14.46
CA GLU D 79 -0.82 22.57 14.59
C GLU D 79 -1.53 21.53 13.75
N SER D 80 -2.80 21.26 14.09
CA SER D 80 -3.56 20.28 13.31
C SER D 80 -3.70 20.71 11.85
N GLU D 81 -3.75 22.02 11.59
CA GLU D 81 -3.84 22.48 10.21
C GLU D 81 -2.57 22.21 9.42
N ASP D 82 -1.49 21.79 10.08
CA ASP D 82 -0.29 21.41 9.34
C ASP D 82 -0.34 20.01 8.77
N ILE D 83 -1.41 19.24 9.06
CA ILE D 83 -1.58 17.91 8.46
C ILE D 83 -1.61 18.07 6.94
N ALA D 84 -0.66 17.42 6.27
CA ALA D 84 -0.50 17.55 4.82
C ALA D 84 0.66 16.65 4.41
N ASP D 85 0.85 16.53 3.09
CA ASP D 85 2.08 16.02 2.50
C ASP D 85 3.02 17.17 2.22
N TYR D 86 4.31 16.94 2.48
CA TYR D 86 5.34 17.96 2.27
C TYR D 86 6.34 17.44 1.24
N TYR D 87 6.64 18.27 0.25
CA TYR D 87 7.49 17.87 -0.87
C TYR D 87 8.67 18.81 -1.00
N CYS D 88 9.85 18.26 -1.29
CA CYS D 88 10.95 19.11 -1.71
C CYS D 88 11.13 19.05 -3.23
N GLN D 89 11.82 20.04 -3.76
CA GLN D 89 12.07 20.16 -5.19
C GLN D 89 13.40 20.87 -5.37
N GLN D 90 14.22 20.40 -6.31
CA GLN D 90 15.49 21.04 -6.63
C GLN D 90 15.38 21.79 -7.96
N SER D 91 16.02 22.96 -8.02
CA SER D 91 16.17 23.68 -9.27
C SER D 91 17.64 23.98 -9.54
N HIS D 92 18.54 23.17 -8.97
CA HIS D 92 19.95 23.33 -9.29
C HIS D 92 20.24 22.99 -10.73
N SER D 93 19.67 21.90 -11.25
CA SER D 93 19.89 21.57 -12.65
C SER D 93 18.67 20.88 -13.23
N TRP D 94 18.68 20.81 -14.55
CA TRP D 94 17.55 20.37 -15.37
C TRP D 94 17.64 18.88 -15.65
N PRO D 95 16.51 18.17 -15.63
CA PRO D 95 15.15 18.64 -15.34
C PRO D 95 14.92 18.81 -13.85
N PHE D 96 14.00 19.69 -13.47
CA PHE D 96 13.69 19.85 -12.06
C PHE D 96 12.99 18.59 -11.53
N THR D 97 13.30 18.21 -10.29
CA THR D 97 12.79 16.97 -9.72
C THR D 97 12.23 17.20 -8.32
N PHE D 98 11.28 16.34 -7.95
CA PHE D 98 10.58 16.41 -6.68
C PHE D 98 10.91 15.19 -5.83
N GLY D 99 10.95 15.38 -4.51
CA GLY D 99 10.98 14.25 -3.61
C GLY D 99 9.65 13.52 -3.61
N SER D 100 9.62 12.35 -2.98
CA SER D 100 8.40 11.55 -2.95
C SER D 100 7.41 11.97 -1.88
N GLY D 101 7.78 12.90 -1.02
CA GLY D 101 6.82 13.46 -0.10
C GLY D 101 6.82 12.77 1.26
N THR D 102 6.71 13.55 2.32
CA THR D 102 6.50 13.02 3.68
C THR D 102 5.15 13.49 4.18
N ASN D 103 4.34 12.56 4.69
CA ASN D 103 3.03 12.87 5.23
C ASN D 103 3.16 13.19 6.72
N LEU D 104 2.47 14.23 7.17
CA LEU D 104 2.46 14.59 8.59
C LEU D 104 1.11 14.21 9.18
N GLU D 105 1.14 13.35 10.20
CA GLU D 105 -0.01 13.10 11.04
C GLU D 105 0.19 13.84 12.36
N VAL D 106 -0.88 14.43 12.88
CA VAL D 106 -0.84 15.12 14.16
C VAL D 106 -1.67 14.30 15.15
N LYS D 107 -1.03 13.84 16.22
CA LYS D 107 -1.73 13.02 17.21
C LYS D 107 -2.76 13.84 17.97
N ARG D 108 -3.72 13.13 18.57
CA ARG D 108 -4.73 13.75 19.41
C ARG D 108 -5.22 12.71 20.40
N THR D 109 -6.08 13.13 21.32
CA THR D 109 -6.64 12.17 22.27
C THR D 109 -7.55 11.18 21.55
N VAL D 110 -7.72 10.02 22.19
CA VAL D 110 -8.60 9.00 21.64
C VAL D 110 -10.01 9.57 21.52
N ALA D 111 -10.66 9.32 20.39
CA ALA D 111 -12.04 9.73 20.16
C ALA D 111 -12.79 8.56 19.55
N ALA D 112 -13.82 8.08 20.23
CA ALA D 112 -14.63 6.99 19.73
C ALA D 112 -15.49 7.47 18.57
N PRO D 113 -15.74 6.62 17.57
CA PRO D 113 -16.61 7.04 16.47
C PRO D 113 -18.05 7.17 16.90
N SER D 114 -18.77 8.10 16.28
CA SER D 114 -20.22 8.07 16.27
C SER D 114 -20.63 7.19 15.09
N VAL D 115 -21.55 6.26 15.33
CA VAL D 115 -21.88 5.25 14.35
C VAL D 115 -23.31 5.48 13.85
N PHE D 116 -23.50 5.32 12.56
CA PHE D 116 -24.79 5.52 11.89
C PHE D 116 -24.95 4.42 10.85
N ILE D 117 -26.14 3.87 10.72
CA ILE D 117 -26.44 2.86 9.70
C ILE D 117 -27.51 3.42 8.77
N PHE D 118 -27.38 3.12 7.48
CA PHE D 118 -28.32 3.61 6.47
C PHE D 118 -28.86 2.42 5.68
N PRO D 119 -30.17 2.20 5.66
CA PRO D 119 -30.74 1.17 4.80
C PRO D 119 -30.64 1.58 3.34
N PRO D 120 -30.78 0.62 2.41
CA PRO D 120 -30.84 0.99 0.99
C PRO D 120 -32.07 1.85 0.72
N SER D 121 -31.92 2.77 -0.24
CA SER D 121 -33.03 3.61 -0.63
C SER D 121 -34.05 2.82 -1.43
N ASP D 122 -35.32 3.24 -1.34
CA ASP D 122 -36.34 2.64 -2.19
C ASP D 122 -35.98 2.79 -3.67
N GLU D 123 -35.33 3.90 -4.03
CA GLU D 123 -34.90 4.10 -5.41
C GLU D 123 -33.94 3.01 -5.86
N GLN D 124 -32.95 2.70 -5.03
CA GLN D 124 -31.97 1.69 -5.44
C GLN D 124 -32.59 0.32 -5.51
N LEU D 125 -33.50 0.00 -4.58
CA LEU D 125 -34.13 -1.32 -4.58
C LEU D 125 -34.92 -1.55 -5.85
N LYS D 126 -35.43 -0.49 -6.48
CA LYS D 126 -36.13 -0.66 -7.75
C LYS D 126 -35.22 -1.25 -8.82
N SER D 127 -33.91 -1.04 -8.69
CA SER D 127 -32.94 -1.52 -9.67
C SER D 127 -32.43 -2.93 -9.38
N GLY D 128 -32.93 -3.59 -8.34
CA GLY D 128 -32.52 -4.95 -8.05
C GLY D 128 -31.25 -5.09 -7.25
N THR D 129 -30.74 -4.01 -6.66
CA THR D 129 -29.53 -4.03 -5.85
C THR D 129 -29.78 -3.27 -4.55
N ALA D 130 -29.11 -3.68 -3.48
CA ALA D 130 -29.25 -3.06 -2.17
C ALA D 130 -27.87 -2.78 -1.60
N SER D 131 -27.58 -1.51 -1.36
CA SER D 131 -26.38 -1.10 -0.65
C SER D 131 -26.76 -0.67 0.76
N VAL D 132 -26.08 -1.21 1.76
CA VAL D 132 -26.26 -0.82 3.15
C VAL D 132 -24.99 -0.14 3.60
N VAL D 133 -25.11 1.05 4.20
CA VAL D 133 -23.94 1.86 4.52
C VAL D 133 -23.84 2.05 6.03
N CYS D 134 -22.65 1.87 6.55
CA CYS D 134 -22.36 2.09 7.96
C CYS D 134 -21.28 3.16 8.05
N LEU D 135 -21.56 4.21 8.81
CA LEU D 135 -20.68 5.36 8.91
C LEU D 135 -20.08 5.43 10.30
N LEU D 136 -18.76 5.54 10.38
CA LEU D 136 -18.03 5.80 11.62
C LEU D 136 -17.47 7.22 11.50
N ASN D 137 -17.96 8.13 12.34
CA ASN D 137 -17.66 9.54 12.15
C ASN D 137 -16.68 10.05 13.19
N ASN D 138 -15.60 10.68 12.74
CA ASN D 138 -14.74 11.53 13.56
C ASN D 138 -14.09 10.78 14.72
N PHE D 139 -13.27 9.77 14.40
CA PHE D 139 -12.63 8.97 15.43
C PHE D 139 -11.10 9.05 15.31
N TYR D 140 -10.45 8.61 16.40
CA TYR D 140 -8.99 8.55 16.48
C TYR D 140 -8.61 7.58 17.63
N PRO D 141 -7.67 6.66 17.39
CA PRO D 141 -6.84 6.55 16.19
C PRO D 141 -7.53 5.88 15.00
N ARG D 142 -6.76 5.69 13.93
CA ARG D 142 -7.31 5.29 12.64
C ARG D 142 -7.87 3.88 12.66
N GLU D 143 -7.28 2.99 13.44
CA GLU D 143 -7.69 1.59 13.38
C GLU D 143 -9.09 1.38 13.95
N ALA D 144 -9.96 0.73 13.18
CA ALA D 144 -11.32 0.43 13.58
C ALA D 144 -11.74 -0.86 12.92
N LYS D 145 -12.67 -1.57 13.54
CA LYS D 145 -13.16 -2.82 12.96
C LYS D 145 -14.66 -2.72 12.78
N VAL D 146 -15.12 -3.08 11.58
CA VAL D 146 -16.54 -3.06 11.24
C VAL D 146 -16.93 -4.44 10.76
N GLN D 147 -17.96 -5.02 11.36
CA GLN D 147 -18.49 -6.30 10.95
C GLN D 147 -19.96 -6.13 10.60
N TRP D 148 -20.35 -6.71 9.46
CA TRP D 148 -21.75 -6.76 9.06
C TRP D 148 -22.37 -8.09 9.49
N LYS D 149 -23.52 -8.01 10.14
CA LYS D 149 -24.27 -9.21 10.49
C LYS D 149 -25.69 -9.05 9.95
N VAL D 150 -26.13 -10.07 9.22
CA VAL D 150 -27.46 -10.11 8.62
C VAL D 150 -28.20 -11.28 9.25
N ASP D 151 -29.25 -10.97 10.02
CA ASP D 151 -29.91 -11.94 10.90
C ASP D 151 -28.87 -12.71 11.73
N ASN D 152 -27.92 -11.96 12.27
CA ASN D 152 -26.81 -12.42 13.10
C ASN D 152 -25.81 -13.30 12.37
N ALA D 153 -25.91 -13.40 11.05
CA ALA D 153 -24.94 -14.16 10.26
C ALA D 153 -23.86 -13.21 9.75
N LEU D 154 -22.60 -13.49 10.12
CA LEU D 154 -21.50 -12.61 9.76
C LEU D 154 -21.24 -12.63 8.26
N GLN D 155 -21.20 -11.46 7.65
CA GLN D 155 -20.96 -11.31 6.22
C GLN D 155 -19.47 -11.20 5.92
N SER D 156 -19.07 -11.73 4.75
CA SER D 156 -17.71 -11.52 4.27
C SER D 156 -17.70 -11.55 2.75
N GLY D 157 -16.77 -10.78 2.18
CA GLY D 157 -16.62 -10.70 0.74
C GLY D 157 -17.58 -9.79 0.03
N ASN D 158 -18.55 -9.20 0.73
CA ASN D 158 -19.54 -8.35 0.08
C ASN D 158 -19.55 -6.94 0.65
N SER D 159 -18.46 -6.50 1.27
CA SER D 159 -18.40 -5.13 1.77
C SER D 159 -17.07 -4.50 1.38
N GLN D 160 -17.08 -3.17 1.31
CA GLN D 160 -15.89 -2.38 1.05
C GLN D 160 -15.87 -1.18 1.97
N GLU D 161 -14.66 -0.77 2.36
CA GLU D 161 -14.44 0.32 3.29
C GLU D 161 -13.69 1.44 2.59
N SER D 162 -14.01 2.67 2.98
CA SER D 162 -13.25 3.85 2.58
C SER D 162 -13.00 4.70 3.82
N VAL D 163 -11.80 5.27 3.93
CA VAL D 163 -11.40 6.05 5.09
C VAL D 163 -10.95 7.42 4.61
N THR D 164 -11.42 8.48 5.25
CA THR D 164 -10.93 9.80 4.90
C THR D 164 -9.49 9.99 5.39
N GLU D 165 -8.82 10.97 4.80
CA GLU D 165 -7.57 11.44 5.35
C GLU D 165 -7.83 12.19 6.65
N GLN D 166 -6.79 12.29 7.48
CA GLN D 166 -6.93 12.93 8.77
C GLN D 166 -7.42 14.38 8.62
N ASP D 167 -8.41 14.76 9.41
CA ASP D 167 -9.06 16.06 9.29
C ASP D 167 -8.15 17.15 9.85
N SER D 168 -8.03 18.26 9.11
CA SER D 168 -7.09 19.30 9.52
C SER D 168 -7.62 20.17 10.65
N LYS D 169 -8.91 20.08 10.97
CA LYS D 169 -9.49 20.85 12.05
C LYS D 169 -9.47 20.11 13.38
N ASP D 170 -9.86 18.83 13.39
CA ASP D 170 -9.97 18.08 14.65
C ASP D 170 -9.10 16.82 14.69
N SER D 171 -8.28 16.57 13.66
CA SER D 171 -7.31 15.48 13.64
C SER D 171 -7.93 14.08 13.65
N THR D 172 -9.22 13.96 13.34
CA THR D 172 -9.88 12.65 13.30
C THR D 172 -9.94 12.08 11.89
N TYR D 173 -10.38 10.83 11.83
CA TYR D 173 -10.69 10.10 10.61
C TYR D 173 -12.17 9.77 10.60
N SER D 174 -12.71 9.52 9.41
CA SER D 174 -14.03 8.95 9.28
C SER D 174 -13.96 7.78 8.32
N LEU D 175 -14.91 6.85 8.46
CA LEU D 175 -14.86 5.61 7.69
C LEU D 175 -16.26 5.25 7.22
N SER D 176 -16.37 4.79 5.98
CA SER D 176 -17.61 4.23 5.49
C SER D 176 -17.41 2.77 5.16
N SER D 177 -18.38 1.93 5.52
CA SER D 177 -18.40 0.55 5.08
C SER D 177 -19.71 0.31 4.35
N THR D 178 -19.61 -0.22 3.13
CA THR D 178 -20.78 -0.41 2.28
C THR D 178 -20.96 -1.90 2.04
N LEU D 179 -22.08 -2.42 2.50
CA LEU D 179 -22.47 -3.80 2.24
C LEU D 179 -23.34 -3.83 0.99
N THR D 180 -22.97 -4.66 0.01
CA THR D 180 -23.72 -4.74 -1.23
C THR D 180 -24.30 -6.15 -1.38
N LEU D 181 -25.63 -6.21 -1.51
CA LEU D 181 -26.33 -7.45 -1.79
C LEU D 181 -27.26 -7.24 -2.98
N SER D 182 -27.57 -8.32 -3.68
CA SER D 182 -28.68 -8.27 -4.61
C SER D 182 -29.97 -8.03 -3.84
N LYS D 183 -30.93 -7.37 -4.48
CA LYS D 183 -32.25 -7.24 -3.87
C LYS D 183 -32.81 -8.61 -3.50
N ALA D 184 -32.54 -9.62 -4.33
CA ALA D 184 -33.02 -10.97 -4.07
C ALA D 184 -32.52 -11.48 -2.71
N ASP D 185 -31.22 -11.28 -2.43
CA ASP D 185 -30.69 -11.71 -1.13
C ASP D 185 -31.13 -10.78 -0.01
N TYR D 186 -31.20 -9.47 -0.29
CA TYR D 186 -31.58 -8.50 0.72
C TYR D 186 -32.95 -8.83 1.32
N GLU D 187 -33.89 -9.26 0.49
CA GLU D 187 -35.24 -9.54 0.95
C GLU D 187 -35.39 -10.90 1.62
N LYS D 188 -34.33 -11.70 1.68
CA LYS D 188 -34.36 -12.96 2.41
C LYS D 188 -34.20 -12.79 3.92
N HIS D 189 -33.80 -11.61 4.38
CA HIS D 189 -33.43 -11.43 5.77
C HIS D 189 -34.07 -10.16 6.33
N LYS D 190 -34.12 -10.09 7.65
CA LYS D 190 -34.77 -9.00 8.36
C LYS D 190 -33.78 -8.04 9.00
N VAL D 191 -32.87 -8.52 9.83
CA VAL D 191 -32.07 -7.69 10.71
C VAL D 191 -30.73 -7.42 10.05
N TYR D 192 -30.44 -6.13 9.84
CA TYR D 192 -29.20 -5.67 9.24
C TYR D 192 -28.46 -4.86 10.28
N ALA D 193 -27.24 -5.29 10.60
CA ALA D 193 -26.52 -4.73 11.73
C ALA D 193 -25.06 -4.48 11.37
N CYS D 194 -24.56 -3.34 11.84
CA CYS D 194 -23.17 -2.95 11.75
C CYS D 194 -22.58 -2.98 13.16
N GLU D 195 -21.55 -3.78 13.39
CA GLU D 195 -20.91 -3.86 14.70
C GLU D 195 -19.50 -3.26 14.63
N VAL D 196 -19.24 -2.27 15.48
CA VAL D 196 -18.03 -1.43 15.41
C VAL D 196 -17.22 -1.61 16.70
N THR D 197 -15.93 -1.87 16.55
CA THR D 197 -15.00 -1.88 17.68
C THR D 197 -13.87 -0.89 17.42
N HIS D 198 -13.42 -0.23 18.48
CA HIS D 198 -12.46 0.86 18.37
C HIS D 198 -11.82 1.05 19.73
N GLN D 199 -10.58 1.55 19.74
CA GLN D 199 -9.92 1.77 21.02
CA GLN D 199 -9.89 1.80 21.01
C GLN D 199 -10.76 2.64 21.95
N GLY D 200 -11.53 3.58 21.41
CA GLY D 200 -12.33 4.49 22.21
C GLY D 200 -13.63 3.91 22.74
N LEU D 201 -13.98 2.70 22.34
CA LEU D 201 -15.26 2.10 22.70
C LEU D 201 -15.03 1.03 23.75
N SER D 202 -15.61 1.23 24.93
CA SER D 202 -15.43 0.27 26.03
C SER D 202 -16.14 -1.05 25.77
N SER D 203 -17.09 -1.09 24.83
CA SER D 203 -17.63 -2.34 24.32
C SER D 203 -18.08 -2.08 22.89
N PRO D 204 -18.25 -3.12 22.08
CA PRO D 204 -18.60 -2.90 20.67
C PRO D 204 -19.96 -2.23 20.54
N VAL D 205 -20.07 -1.33 19.57
CA VAL D 205 -21.32 -0.63 19.29
C VAL D 205 -21.98 -1.27 18.08
N THR D 206 -23.27 -1.60 18.21
CA THR D 206 -24.05 -2.15 17.10
C THR D 206 -25.13 -1.16 16.71
N LYS D 207 -25.23 -0.87 15.41
CA LYS D 207 -26.37 -0.15 14.87
C LYS D 207 -27.11 -1.09 13.92
N SER D 208 -28.43 -1.10 14.02
CA SER D 208 -29.20 -2.05 13.20
C SER D 208 -30.50 -1.43 12.75
N PHE D 209 -31.09 -2.03 11.72
CA PHE D 209 -32.47 -1.76 11.34
C PHE D 209 -33.11 -3.07 10.90
N ASN D 210 -34.44 -3.08 10.87
CA ASN D 210 -35.22 -4.19 10.35
C ASN D 210 -35.77 -3.83 8.99
N ARG D 211 -35.46 -4.64 7.98
CA ARG D 211 -35.88 -4.37 6.61
C ARG D 211 -37.38 -4.13 6.53
N GLY D 212 -37.75 -2.96 6.02
CA GLY D 212 -39.15 -2.60 5.87
C GLY D 212 -39.86 -2.22 7.16
N GLU D 213 -39.33 -1.24 7.87
CA GLU D 213 -39.97 -0.73 9.08
C GLU D 213 -39.75 0.77 9.23
#